data_7CM4
#
_entry.id   7CM4
#
_cell.length_a   65.550
_cell.length_b   167.600
_cell.length_c   169.050
_cell.angle_alpha   90.000
_cell.angle_beta   90.000
_cell.angle_gamma   90.000
#
_symmetry.space_group_name_H-M   'I 2 2 2'
#
loop_
_entity.id
_entity.type
_entity.pdbx_description
1 polymer 'Spike glycoprotein'
2 polymer 'IgG heavy chain'
3 polymer 'IgG light chain'
4 branched alpha-D-mannopyranose-(1-6)-alpha-D-mannopyranose-(1-4)-2-acetamido-2-deoxy-beta-D-glucopyranose-(1-4)-[alpha-L-fucopyranose-(1-6)]2-acetamido-2-deoxy-beta-D-glucopyranose
5 non-polymer 'NICKEL (II) ION'
6 non-polymer 1,2-ETHANEDIOL
7 water water
#
loop_
_entity_poly.entity_id
_entity_poly.type
_entity_poly.pdbx_seq_one_letter_code
_entity_poly.pdbx_strand_id
1 'polypeptide(L)'
;RVQPTESIVRFPNITNLCPFGEVFNATRFASVYAWNRKRISNCVADYSVLYNSASFSTFKCYGVSPTKLNDLCFTNVYAD
SFVIRGDEVRQIAPGQTGKIADYNYKLPDDFTGCVIAWNSNNLDSKVGGNYNYLYRLFRKSNLKPFERDISTEIYQAGST
PCNGVEGFNCYFPLQSYGFQPTNGVGYQPYRVVVLSFELLHAPATVCGPKKSTNLVKNHHHHHHHH
;
A
2 'polypeptide(L)'
;QITLKESGPTLVKPTQTLTLTCSFSGFSLSTSGVGVGWIRQPPGKALEWLALIDWDDNKYHTTSLKTRLTISKDTSKNQV
VLTMTNMDPVDTATYYCARIPGFLRYRNRYYYYGMDVWGQGTTVTVSSASTKGPSVFPLAPSSKSTSGGTAALGCLVKDY
FPEPVTVSWNSGALTSGVHTFPAVLQSSGLYSLSSVVTVPSSSLGTQTYICNVNHKPSNTKVDKRVEPKSCDKTHTCPPC
PAPELLGGPSVFLFPPKPKDTLMISRTPEVTCVVVDVSHEDPEVKFNWYVDGVEVHNAKTKPREEQYNSTYRVVSVLTVL
HQDWLNGKEYKCKVSNKALPAPIEKTISKAKGQPREPQVYTLPPSRDELTKNQVSLTCLVKGFYPSDIAVEWESNGQPEN
NYKTTPPVLDSDGSFFLYSKLTVDKSRWQQGNVFSCSVMHEALHNHYTQKSLSLSPGK
;
H
3 'polypeptide(L)'
;ELVLTQPPSVSAAPGQKVTISCSGSSSNIGNNYVSWYQQLPGTAPKLLIYDNNKRPSGIPDRFSGSKSGTSATLGITGLQ
TGDEADYYCGTWDSSLSAGVFGGGTELTVLGQPKAAPSVTLFPPSSEELQANKATLVCLISDFYPGAVTVAWKADGSPVK
AGVETTKPSKQSNNKYAASSYLSLTPEQWKSHRSYSCQVTHEGSTVEKTVAPTECS
;
L
#
loop_
_chem_comp.id
_chem_comp.type
_chem_comp.name
_chem_comp.formula
EDO non-polymer 1,2-ETHANEDIOL 'C2 H6 O2'
FUC L-saccharide, alpha linking alpha-L-fucopyranose 'C6 H12 O5'
MAN D-saccharide, alpha linking alpha-D-mannopyranose 'C6 H12 O6'
NAG D-saccharide, beta linking 2-acetamido-2-deoxy-beta-D-glucopyranose 'C8 H15 N O6'
NI non-polymer 'NICKEL (II) ION' 'Ni 2'
#
# COMPACT_ATOMS: atom_id res chain seq x y z
N ILE A 14 10.52 59.19 -25.27
CA ILE A 14 10.26 58.42 -24.06
C ILE A 14 8.80 58.63 -23.65
N THR A 15 7.97 59.08 -24.59
CA THR A 15 6.56 59.33 -24.28
C THR A 15 5.77 58.04 -24.08
N ASN A 16 6.24 56.92 -24.61
CA ASN A 16 5.51 55.66 -24.52
C ASN A 16 5.68 55.05 -23.12
N LEU A 17 4.56 54.62 -22.55
CA LEU A 17 4.58 53.99 -21.23
C LEU A 17 5.35 52.68 -21.27
N CYS A 18 5.77 52.22 -20.09
CA CYS A 18 6.57 51.01 -20.01
C CYS A 18 5.67 49.78 -20.05
N PRO A 19 5.99 48.78 -20.87
CA PRO A 19 5.11 47.61 -21.04
C PRO A 19 5.25 46.59 -19.92
N PHE A 20 4.92 47.01 -18.69
CA PHE A 20 4.87 46.07 -17.58
C PHE A 20 3.73 45.08 -17.73
N GLY A 21 2.74 45.38 -18.58
CA GLY A 21 1.67 44.43 -18.82
C GLY A 21 2.14 43.16 -19.49
N GLU A 22 3.17 43.25 -20.32
CA GLU A 22 3.74 42.06 -20.95
C GLU A 22 4.52 41.19 -19.97
N VAL A 23 4.75 41.68 -18.75
CA VAL A 23 5.45 40.92 -17.72
C VAL A 23 4.49 40.36 -16.68
N PHE A 24 3.65 41.22 -16.10
CA PHE A 24 2.75 40.79 -15.04
C PHE A 24 1.53 40.06 -15.57
N ASN A 25 1.07 40.39 -16.78
CA ASN A 25 -0.11 39.77 -17.35
C ASN A 25 0.24 38.81 -18.48
N ALA A 26 1.47 38.27 -18.47
CA ALA A 26 1.88 37.32 -19.49
C ALA A 26 1.00 36.07 -19.45
N THR A 27 0.78 35.48 -20.63
CA THR A 27 -0.06 34.29 -20.71
C THR A 27 0.58 33.10 -20.01
N ARG A 28 1.88 32.90 -20.22
CA ARG A 28 2.61 31.79 -19.63
C ARG A 28 3.78 32.31 -18.80
N PHE A 29 4.01 31.66 -17.66
CA PHE A 29 5.15 31.97 -16.82
C PHE A 29 6.09 30.78 -16.77
N ALA A 30 7.37 31.06 -16.56
CA ALA A 30 8.38 30.01 -16.61
C ALA A 30 8.48 29.26 -15.28
N SER A 31 9.01 28.05 -15.34
CA SER A 31 9.41 27.36 -14.14
C SER A 31 10.58 28.08 -13.51
N VAL A 32 10.71 27.96 -12.18
CA VAL A 32 11.71 28.75 -11.47
C VAL A 32 13.12 28.37 -11.90
N TYR A 33 13.35 27.09 -12.22
CA TYR A 33 14.70 26.69 -12.62
C TYR A 33 15.10 27.32 -13.94
N ALA A 34 14.12 27.66 -14.79
CA ALA A 34 14.40 28.28 -16.07
C ALA A 34 13.71 29.64 -16.16
N TRP A 35 14.02 30.52 -15.22
CA TRP A 35 13.33 31.80 -15.11
C TRP A 35 13.54 32.64 -16.37
N ASN A 36 12.49 33.36 -16.75
CA ASN A 36 12.51 34.20 -17.93
C ASN A 36 12.95 35.61 -17.56
N ARG A 37 13.81 36.18 -18.38
CA ARG A 37 14.29 37.55 -18.17
C ARG A 37 13.91 38.42 -19.36
N LYS A 38 13.25 39.53 -19.09
CA LYS A 38 12.80 40.48 -20.11
C LYS A 38 13.53 41.80 -19.92
N ARG A 39 14.07 42.33 -21.02
CA ARG A 39 14.78 43.60 -20.99
C ARG A 39 13.79 44.75 -21.00
N ILE A 40 14.05 45.76 -20.17
CA ILE A 40 13.17 46.92 -20.03
C ILE A 40 14.02 48.17 -20.19
N SER A 41 13.69 49.00 -21.18
CA SER A 41 14.51 50.17 -21.46
C SER A 41 13.69 51.20 -22.23
N ASN A 42 14.09 52.47 -22.08
CA ASN A 42 13.54 53.59 -22.84
C ASN A 42 12.01 53.66 -22.71
N CYS A 43 11.57 53.96 -21.50
CA CYS A 43 10.15 53.92 -21.20
C CYS A 43 9.88 54.79 -19.96
N VAL A 44 8.60 55.05 -19.74
CA VAL A 44 8.12 55.72 -18.54
C VAL A 44 7.64 54.65 -17.57
N ALA A 45 8.37 54.46 -16.48
CA ALA A 45 8.10 53.39 -15.52
C ALA A 45 7.26 53.96 -14.38
N ASP A 46 5.93 53.85 -14.52
CA ASP A 46 5.00 54.29 -13.49
C ASP A 46 4.83 53.16 -12.49
N TYR A 47 5.67 53.17 -11.45
CA TYR A 47 5.62 52.14 -10.42
C TYR A 47 4.52 52.37 -9.39
N SER A 48 3.75 53.46 -9.51
CA SER A 48 2.78 53.79 -8.49
C SER A 48 1.55 52.90 -8.53
N VAL A 49 1.12 52.50 -9.73
CA VAL A 49 -0.09 51.68 -9.85
C VAL A 49 0.16 50.27 -9.33
N LEU A 50 1.39 49.77 -9.44
CA LEU A 50 1.69 48.43 -8.95
C LEU A 50 1.67 48.40 -7.42
N TYR A 51 2.39 49.33 -6.79
CA TYR A 51 2.42 49.40 -5.33
C TYR A 51 1.02 49.62 -4.76
N ASN A 52 0.14 50.29 -5.51
CA ASN A 52 -1.19 50.59 -5.02
C ASN A 52 -2.09 49.36 -5.04
N SER A 53 -1.86 48.44 -5.97
CA SER A 53 -2.77 47.32 -6.19
C SER A 53 -2.66 46.31 -5.06
N ALA A 54 -3.79 46.04 -4.40
CA ALA A 54 -3.83 45.06 -3.33
C ALA A 54 -3.76 43.62 -3.83
N SER A 55 -3.80 43.41 -5.16
CA SER A 55 -3.72 42.08 -5.72
C SER A 55 -2.31 41.49 -5.66
N PHE A 56 -1.35 42.20 -5.09
CA PHE A 56 0.00 41.68 -4.89
C PHE A 56 0.19 41.29 -3.43
N SER A 57 0.65 40.05 -3.21
CA SER A 57 0.89 39.58 -1.86
C SER A 57 2.21 40.08 -1.29
N THR A 58 3.16 40.40 -2.16
CA THR A 58 4.51 40.76 -1.76
C THR A 58 5.01 41.89 -2.64
N PHE A 59 5.54 42.95 -2.02
CA PHE A 59 6.14 44.07 -2.75
C PHE A 59 7.27 44.60 -1.86
N LYS A 60 8.40 43.90 -1.89
CA LYS A 60 9.57 44.25 -1.10
C LYS A 60 10.57 44.99 -1.99
N CYS A 61 11.23 45.99 -1.40
CA CYS A 61 12.25 46.75 -2.10
C CYS A 61 13.57 46.66 -1.33
N TYR A 62 14.67 46.72 -2.08
CA TYR A 62 16.01 46.60 -1.51
C TYR A 62 16.89 47.63 -2.18
N GLY A 63 17.48 48.53 -1.37
CA GLY A 63 18.28 49.61 -1.89
C GLY A 63 17.52 50.86 -2.29
N VAL A 64 16.21 50.74 -2.49
CA VAL A 64 15.37 51.88 -2.88
C VAL A 64 14.13 51.89 -1.99
N SER A 65 13.36 52.98 -2.12
CA SER A 65 12.10 53.10 -1.40
C SER A 65 10.95 52.89 -2.35
N PRO A 66 10.02 51.97 -2.05
CA PRO A 66 8.93 51.70 -3.00
C PRO A 66 8.05 52.90 -3.27
N THR A 67 7.88 53.80 -2.30
CA THR A 67 7.09 55.00 -2.50
C THR A 67 7.85 56.06 -3.30
N LYS A 68 9.18 55.99 -3.33
CA LYS A 68 10.00 56.90 -4.11
C LYS A 68 10.45 56.29 -5.45
N LEU A 69 9.78 55.21 -5.89
CA LEU A 69 10.23 54.52 -7.10
C LEU A 69 10.06 55.37 -8.34
N ASN A 70 8.98 56.16 -8.41
CA ASN A 70 8.74 56.98 -9.59
C ASN A 70 9.77 58.10 -9.73
N ASP A 71 10.26 58.64 -8.63
CA ASP A 71 11.22 59.73 -8.65
C ASP A 71 12.64 59.31 -9.04
N LEU A 72 12.82 58.11 -9.61
CA LEU A 72 14.14 57.56 -9.84
C LEU A 72 14.38 57.27 -11.31
N CYS A 73 15.66 57.26 -11.67
CA CYS A 73 16.13 56.87 -13.00
C CYS A 73 17.22 55.83 -12.84
N PHE A 74 17.25 54.85 -13.73
CA PHE A 74 18.19 53.75 -13.66
C PHE A 74 18.86 53.53 -15.00
N THR A 75 20.04 52.90 -14.96
CA THR A 75 20.79 52.62 -16.19
C THR A 75 20.06 51.62 -17.07
N ASN A 76 19.35 50.66 -16.47
CA ASN A 76 18.57 49.66 -17.18
C ASN A 76 17.70 48.92 -16.16
N VAL A 77 16.66 48.27 -16.67
CA VAL A 77 15.71 47.53 -15.83
C VAL A 77 15.55 46.12 -16.41
N TYR A 78 15.74 45.11 -15.57
CA TYR A 78 15.53 43.72 -15.96
C TYR A 78 14.40 43.13 -15.13
N ALA A 79 13.54 42.35 -15.79
CA ALA A 79 12.37 41.75 -15.14
C ALA A 79 12.47 40.24 -15.24
N ASP A 80 12.63 39.57 -14.11
CA ASP A 80 12.68 38.11 -14.04
C ASP A 80 11.36 37.58 -13.51
N SER A 81 10.77 36.64 -14.24
CA SER A 81 9.49 36.05 -13.86
C SER A 81 9.60 34.54 -13.80
N PHE A 82 8.81 33.95 -12.89
CA PHE A 82 8.76 32.51 -12.69
C PHE A 82 7.59 32.21 -11.76
N VAL A 83 7.38 30.93 -11.47
CA VAL A 83 6.33 30.47 -10.58
C VAL A 83 6.94 29.58 -9.51
N ILE A 84 6.61 29.84 -8.25
CA ILE A 84 7.10 29.07 -7.12
C ILE A 84 5.94 28.79 -6.18
N ARG A 85 6.23 28.06 -5.11
CA ARG A 85 5.26 27.77 -4.06
C ARG A 85 5.16 28.95 -3.10
N GLY A 86 4.03 29.01 -2.40
CA GLY A 86 3.77 30.15 -1.53
C GLY A 86 4.83 30.35 -0.46
N ASP A 87 5.11 29.31 0.30
CA ASP A 87 6.11 29.40 1.36
C ASP A 87 7.54 29.52 0.84
N GLU A 88 7.76 29.67 -0.47
CA GLU A 88 9.09 29.87 -1.03
C GLU A 88 9.34 31.31 -1.45
N VAL A 89 8.32 32.18 -1.39
CA VAL A 89 8.50 33.58 -1.74
C VAL A 89 9.54 34.23 -0.85
N ARG A 90 9.57 33.85 0.43
CA ARG A 90 10.54 34.41 1.36
C ARG A 90 11.97 34.09 0.97
N GLN A 91 12.18 33.13 0.07
CA GLN A 91 13.54 32.77 -0.34
C GLN A 91 14.05 33.66 -1.47
N ILE A 92 13.16 34.39 -2.14
CA ILE A 92 13.60 35.23 -3.24
C ILE A 92 14.38 36.43 -2.72
N ALA A 93 14.06 36.89 -1.52
CA ALA A 93 14.77 37.99 -0.87
C ALA A 93 16.27 37.74 -0.81
N PRO A 94 17.10 38.78 -0.77
CA PRO A 94 18.55 38.58 -0.78
C PRO A 94 19.07 38.03 0.54
N GLY A 95 20.18 37.30 0.45
CA GLY A 95 20.81 36.70 1.62
C GLY A 95 20.16 35.45 2.15
N GLN A 96 19.23 34.85 1.41
CA GLN A 96 18.47 33.71 1.90
C GLN A 96 19.06 32.39 1.42
N THR A 97 18.63 31.32 2.07
CA THR A 97 19.00 29.96 1.69
C THR A 97 17.73 29.13 1.55
N GLY A 98 17.90 27.89 1.09
CA GLY A 98 16.79 27.02 0.76
C GLY A 98 16.89 26.50 -0.65
N LYS A 99 15.99 25.57 -0.97
CA LYS A 99 16.07 24.88 -2.25
C LYS A 99 15.89 25.83 -3.44
N ILE A 100 15.07 26.87 -3.28
CA ILE A 100 14.92 27.83 -4.37
C ILE A 100 16.10 28.78 -4.42
N ALA A 101 16.48 29.34 -3.27
CA ALA A 101 17.56 30.32 -3.24
C ALA A 101 18.91 29.68 -3.57
N ASP A 102 19.07 28.38 -3.32
CA ASP A 102 20.36 27.73 -3.58
C ASP A 102 20.43 27.09 -4.96
N TYR A 103 19.32 26.50 -5.43
CA TYR A 103 19.35 25.66 -6.63
C TYR A 103 18.64 26.26 -7.83
N ASN A 104 17.86 27.33 -7.66
CA ASN A 104 17.01 27.79 -8.76
C ASN A 104 17.20 29.27 -9.10
N TYR A 105 17.01 30.15 -8.12
CA TYR A 105 17.08 31.59 -8.34
C TYR A 105 17.75 32.23 -7.13
N LYS A 106 18.83 32.98 -7.37
CA LYS A 106 19.63 33.57 -6.31
C LYS A 106 19.74 35.07 -6.52
N LEU A 107 19.39 35.84 -5.49
CA LEU A 107 19.64 37.27 -5.48
C LEU A 107 20.89 37.58 -4.66
N PRO A 108 21.76 38.46 -5.13
CA PRO A 108 22.98 38.78 -4.38
C PRO A 108 22.66 39.59 -3.13
N ASP A 109 23.63 39.64 -2.23
CA ASP A 109 23.45 40.40 -0.99
C ASP A 109 23.29 41.89 -1.28
N ASP A 110 23.98 42.41 -2.29
CA ASP A 110 23.86 43.81 -2.68
C ASP A 110 22.76 44.04 -3.70
N PHE A 111 21.69 43.26 -3.64
CA PHE A 111 20.63 43.39 -4.64
C PHE A 111 19.94 44.75 -4.51
N THR A 112 19.63 45.34 -5.66
CA THR A 112 18.93 46.62 -5.73
C THR A 112 17.74 46.44 -6.67
N GLY A 113 16.53 46.44 -6.12
CA GLY A 113 15.35 46.30 -6.94
C GLY A 113 14.15 45.92 -6.10
N CYS A 114 13.13 45.39 -6.78
CA CYS A 114 11.86 45.03 -6.17
C CYS A 114 11.55 43.56 -6.40
N VAL A 115 10.88 42.96 -5.42
CA VAL A 115 10.39 41.59 -5.50
C VAL A 115 8.88 41.64 -5.37
N ILE A 116 8.17 41.26 -6.42
CA ILE A 116 6.71 41.34 -6.49
C ILE A 116 6.17 39.95 -6.77
N ALA A 117 5.12 39.56 -6.04
CA ALA A 117 4.55 38.24 -6.16
C ALA A 117 3.07 38.28 -5.82
N TRP A 118 2.31 37.35 -6.39
CA TRP A 118 0.87 37.28 -6.13
C TRP A 118 0.39 35.85 -6.31
N ASN A 119 -0.76 35.56 -5.72
CA ASN A 119 -1.31 34.21 -5.71
C ASN A 119 -1.98 33.91 -7.05
N SER A 120 -1.62 32.77 -7.65
CA SER A 120 -2.13 32.38 -8.96
C SER A 120 -2.84 31.02 -8.90
N ASN A 121 -3.51 30.73 -7.78
CA ASN A 121 -4.15 29.43 -7.64
C ASN A 121 -5.32 29.26 -8.62
N ASN A 122 -5.93 30.35 -9.06
CA ASN A 122 -7.00 30.25 -10.06
C ASN A 122 -6.48 30.20 -11.49
N LEU A 123 -5.17 30.25 -11.68
CA LEU A 123 -4.54 30.14 -13.00
C LEU A 123 -3.62 28.96 -13.14
N ASP A 124 -2.89 28.60 -12.08
CA ASP A 124 -1.83 27.61 -12.17
C ASP A 124 -2.12 26.32 -11.41
N SER A 125 -3.30 26.18 -10.83
CA SER A 125 -3.72 24.93 -10.22
C SER A 125 -4.65 24.19 -11.18
N LYS A 126 -5.04 22.98 -10.79
CA LYS A 126 -5.81 22.11 -11.68
C LYS A 126 -6.35 20.95 -10.86
N VAL A 127 -7.61 20.58 -11.12
CA VAL A 127 -8.22 19.46 -10.41
C VAL A 127 -7.42 18.20 -10.70
N GLY A 128 -7.03 17.49 -9.65
CA GLY A 128 -6.10 16.39 -9.77
C GLY A 128 -4.64 16.80 -9.71
N GLY A 129 -4.36 18.09 -9.65
CA GLY A 129 -3.00 18.57 -9.52
C GLY A 129 -2.38 19.01 -10.83
N ASN A 130 -1.74 20.19 -10.83
CA ASN A 130 -0.94 20.64 -11.94
C ASN A 130 0.52 20.30 -11.64
N TYR A 131 1.11 19.45 -12.48
CA TYR A 131 2.47 18.97 -12.27
C TYR A 131 3.44 19.47 -13.34
N ASN A 132 3.09 20.55 -14.03
CA ASN A 132 3.91 20.99 -15.15
C ASN A 132 5.04 21.91 -14.71
N TYR A 133 4.84 22.67 -13.63
CA TYR A 133 5.88 23.56 -13.13
C TYR A 133 6.93 22.77 -12.39
N LEU A 134 8.20 23.09 -12.64
CA LEU A 134 9.32 22.34 -12.10
C LEU A 134 10.23 23.24 -11.30
N TYR A 135 10.97 22.63 -10.37
CA TYR A 135 12.08 23.27 -9.69
C TYR A 135 13.24 22.28 -9.61
N ARG A 136 14.45 22.81 -9.45
CA ARG A 136 15.63 21.97 -9.34
C ARG A 136 15.79 21.49 -7.90
N LEU A 137 15.79 20.17 -7.70
CA LEU A 137 15.84 19.57 -6.37
C LEU A 137 17.24 19.14 -5.97
N PHE A 138 18.10 18.83 -6.94
CA PHE A 138 19.46 18.37 -6.67
C PHE A 138 20.45 19.18 -7.48
N ARG A 139 21.56 19.55 -6.86
CA ARG A 139 22.63 20.23 -7.54
C ARG A 139 23.92 20.04 -6.75
N LYS A 140 25.04 19.96 -7.49
CA LYS A 140 26.34 19.77 -6.85
C LYS A 140 26.67 20.93 -5.91
N SER A 141 26.37 22.16 -6.32
CA SER A 141 26.72 23.33 -5.54
C SER A 141 25.63 24.38 -5.70
N ASN A 142 25.72 25.42 -4.86
CA ASN A 142 24.73 26.49 -4.88
C ASN A 142 24.93 27.37 -6.11
N LEU A 143 23.91 28.19 -6.40
CA LEU A 143 23.91 29.03 -7.58
C LEU A 143 24.61 30.35 -7.32
N LYS A 144 25.37 30.82 -8.30
CA LYS A 144 25.84 32.19 -8.32
C LYS A 144 24.64 33.13 -8.45
N PRO A 145 24.69 34.30 -7.83
CA PRO A 145 23.59 35.27 -8.00
C PRO A 145 23.29 35.53 -9.47
N PHE A 146 22.00 35.40 -9.82
CA PHE A 146 21.48 35.58 -11.17
C PHE A 146 21.95 34.52 -12.15
N GLU A 147 22.47 33.40 -11.66
CA GLU A 147 22.84 32.30 -12.54
C GLU A 147 21.61 31.45 -12.86
N ARG A 148 21.55 30.95 -14.09
CA ARG A 148 20.44 30.15 -14.58
C ARG A 148 20.96 28.80 -15.04
N ASP A 149 20.49 27.73 -14.38
CA ASP A 149 20.94 26.37 -14.64
C ASP A 149 19.76 25.56 -15.14
N ILE A 150 19.79 25.20 -16.43
CA ILE A 150 18.71 24.44 -17.05
C ILE A 150 19.21 23.09 -17.58
N SER A 151 20.32 22.59 -17.05
CA SER A 151 20.82 21.29 -17.45
C SER A 151 19.98 20.18 -16.81
N THR A 152 20.00 19.01 -17.44
CA THR A 152 19.20 17.87 -16.99
C THR A 152 20.03 16.61 -16.81
N GLU A 153 21.28 16.76 -16.40
CA GLU A 153 22.14 15.60 -16.21
C GLU A 153 21.78 14.88 -14.91
N ILE A 154 21.95 13.56 -14.93
CA ILE A 154 21.58 12.72 -13.79
C ILE A 154 22.46 13.07 -12.60
N TYR A 155 21.83 13.22 -11.43
CA TYR A 155 22.51 13.61 -10.21
C TYR A 155 22.85 12.38 -9.39
N GLN A 156 24.12 12.24 -9.03
CA GLN A 156 24.59 11.15 -8.19
C GLN A 156 24.36 11.52 -6.73
N ALA A 157 23.29 11.01 -6.14
CA ALA A 157 23.01 11.27 -4.72
C ALA A 157 23.81 10.36 -3.81
N GLY A 158 24.03 9.12 -4.21
CA GLY A 158 24.77 8.15 -3.43
C GLY A 158 26.21 8.02 -3.89
N SER A 159 26.79 6.87 -3.59
CA SER A 159 28.19 6.61 -3.92
C SER A 159 28.37 5.83 -5.22
N THR A 160 27.36 5.11 -5.68
CA THR A 160 27.50 4.34 -6.91
C THR A 160 27.44 5.27 -8.11
N PRO A 161 28.34 5.11 -9.08
CA PRO A 161 28.26 5.93 -10.30
C PRO A 161 26.96 5.67 -11.04
N CYS A 162 26.47 6.69 -11.73
CA CYS A 162 25.18 6.60 -12.42
C CYS A 162 25.31 6.28 -13.89
N ASN A 163 26.37 6.75 -14.56
CA ASN A 163 26.54 6.59 -16.00
C ASN A 163 25.32 7.10 -16.77
N GLY A 164 24.68 8.14 -16.24
CA GLY A 164 23.50 8.70 -16.88
C GLY A 164 22.28 7.81 -16.87
N VAL A 165 22.21 6.85 -15.94
CA VAL A 165 21.10 5.91 -15.84
C VAL A 165 20.33 6.23 -14.56
N GLU A 166 19.04 6.51 -14.72
CA GLU A 166 18.22 6.84 -13.56
C GLU A 166 18.00 5.61 -12.69
N GLY A 167 18.03 5.81 -11.39
CA GLY A 167 17.86 4.72 -10.46
C GLY A 167 17.94 5.23 -9.04
N PHE A 168 18.06 4.30 -8.09
CA PHE A 168 18.21 4.69 -6.69
C PHE A 168 19.46 5.53 -6.52
N ASN A 169 19.29 6.71 -5.91
CA ASN A 169 20.36 7.70 -5.73
C ASN A 169 20.97 8.15 -7.06
N CYS A 170 20.29 7.90 -8.17
CA CYS A 170 20.69 8.37 -9.49
C CYS A 170 19.45 9.05 -10.07
N TYR A 171 19.34 10.37 -9.85
CA TYR A 171 18.07 11.06 -9.96
C TYR A 171 18.09 12.12 -11.04
N PHE A 172 16.96 12.26 -11.73
CA PHE A 172 16.74 13.44 -12.55
C PHE A 172 16.70 14.66 -11.64
N PRO A 173 17.36 15.76 -12.01
CA PRO A 173 17.51 16.88 -11.05
C PRO A 173 16.27 17.70 -10.82
N LEU A 174 15.26 17.61 -11.68
CA LEU A 174 14.09 18.48 -11.59
C LEU A 174 12.89 17.71 -11.02
N GLN A 175 12.12 18.40 -10.18
CA GLN A 175 10.96 17.83 -9.50
C GLN A 175 9.74 18.68 -9.76
N SER A 176 8.58 18.03 -9.90
CA SER A 176 7.34 18.77 -10.12
C SER A 176 6.80 19.33 -8.81
N TYR A 177 6.02 20.40 -8.93
CA TYR A 177 5.46 21.09 -7.78
C TYR A 177 4.20 20.43 -7.26
N GLY A 178 3.26 20.09 -8.14
CA GLY A 178 2.00 19.52 -7.70
C GLY A 178 1.08 20.51 -7.02
N PHE A 179 0.59 21.48 -7.77
CA PHE A 179 -0.34 22.48 -7.24
C PHE A 179 -1.76 21.94 -7.29
N GLN A 180 -2.36 21.74 -6.12
CA GLN A 180 -3.76 21.33 -5.96
C GLN A 180 -4.62 22.55 -5.69
N PRO A 181 -5.83 22.61 -6.24
CA PRO A 181 -6.69 23.78 -6.01
C PRO A 181 -7.09 23.97 -4.56
N THR A 182 -7.07 22.91 -3.75
CA THR A 182 -7.45 22.99 -2.35
C THR A 182 -6.25 22.81 -1.42
N ASN A 183 -5.03 22.97 -1.92
CA ASN A 183 -3.87 23.03 -1.05
C ASN A 183 -4.00 24.23 -0.10
N GLY A 184 -3.30 24.14 1.02
CA GLY A 184 -3.10 25.31 1.85
C GLY A 184 -2.37 26.40 1.10
N VAL A 185 -2.57 27.64 1.54
CA VAL A 185 -1.98 28.79 0.85
C VAL A 185 -0.48 28.62 0.72
N GLY A 186 0.16 28.03 1.73
CA GLY A 186 1.61 27.81 1.67
C GLY A 186 2.05 26.91 0.54
N TYR A 187 1.16 26.06 0.05
CA TYR A 187 1.49 25.14 -1.05
C TYR A 187 0.84 25.56 -2.36
N GLN A 188 0.24 26.75 -2.43
CA GLN A 188 -0.40 27.22 -3.64
C GLN A 188 0.60 27.92 -4.55
N PRO A 189 0.34 27.97 -5.85
CA PRO A 189 1.30 28.58 -6.77
C PRO A 189 1.28 30.10 -6.68
N TYR A 190 2.46 30.69 -6.84
CA TYR A 190 2.63 32.14 -6.80
C TYR A 190 3.50 32.57 -7.98
N ARG A 191 3.00 33.53 -8.76
CA ARG A 191 3.79 34.14 -9.82
C ARG A 191 4.62 35.28 -9.23
N VAL A 192 5.89 35.35 -9.63
CA VAL A 192 6.85 36.27 -9.04
C VAL A 192 7.52 37.05 -10.17
N VAL A 193 7.57 38.38 -10.01
CA VAL A 193 8.30 39.25 -10.93
C VAL A 193 9.36 39.98 -10.11
N VAL A 194 10.62 39.82 -10.50
CA VAL A 194 11.75 40.44 -9.83
C VAL A 194 12.28 41.54 -10.74
N LEU A 195 12.10 42.79 -10.32
CA LEU A 195 12.62 43.94 -11.05
C LEU A 195 14.01 44.27 -10.52
N SER A 196 15.03 44.07 -11.34
CA SER A 196 16.40 44.39 -10.98
C SER A 196 16.75 45.75 -11.57
N PHE A 197 17.24 46.65 -10.72
CA PHE A 197 17.59 48.01 -11.13
C PHE A 197 19.10 48.13 -11.27
N GLU A 198 19.53 48.74 -12.37
CA GLU A 198 20.95 48.82 -12.68
C GLU A 198 21.62 49.94 -11.90
N LEU A 199 22.77 49.63 -11.31
CA LEU A 199 23.53 50.54 -10.46
C LEU A 199 24.70 51.18 -11.19
N LEU A 200 24.70 51.12 -12.53
CA LEU A 200 25.83 51.61 -13.31
C LEU A 200 25.88 53.13 -13.30
N HIS A 201 27.10 53.66 -13.41
CA HIS A 201 27.33 55.10 -13.43
C HIS A 201 27.13 55.70 -14.81
N ALA A 202 26.70 54.90 -15.78
CA ALA A 202 26.47 55.36 -17.15
C ALA A 202 25.15 56.11 -17.25
N PRO A 203 24.90 56.80 -18.37
CA PRO A 203 23.63 57.54 -18.51
C PRO A 203 22.41 56.64 -18.33
N ALA A 204 21.36 57.23 -17.79
CA ALA A 204 20.15 56.48 -17.47
C ALA A 204 19.38 56.12 -18.73
N THR A 205 18.49 55.15 -18.59
CA THR A 205 17.66 54.63 -19.67
C THR A 205 16.18 54.56 -19.31
N VAL A 206 15.86 54.10 -18.10
CA VAL A 206 14.48 53.97 -17.64
C VAL A 206 14.25 54.99 -16.53
N CYS A 207 13.18 55.78 -16.66
CA CYS A 207 12.83 56.77 -15.67
C CYS A 207 11.34 56.72 -15.41
N GLY A 208 10.95 57.07 -14.18
CA GLY A 208 9.57 57.28 -13.85
C GLY A 208 9.07 58.63 -14.34
N PRO A 209 7.79 58.89 -14.09
CA PRO A 209 7.14 60.15 -14.52
C PRO A 209 7.82 61.40 -13.95
N GLN B 1 19.15 0.98 12.15
CA GLN B 1 18.13 0.55 11.21
C GLN B 1 16.89 1.40 11.29
N ILE B 2 16.05 1.24 10.27
CA ILE B 2 14.74 1.86 10.23
C ILE B 2 13.78 1.00 11.02
N THR B 3 12.91 1.65 11.80
CA THR B 3 11.83 0.95 12.49
C THR B 3 10.58 1.81 12.43
N LEU B 4 9.50 1.21 11.93
CA LEU B 4 8.18 1.84 11.90
C LEU B 4 7.22 1.00 12.70
N LYS B 5 6.28 1.66 13.39
CA LYS B 5 5.26 0.95 14.13
C LYS B 5 3.91 1.62 13.88
N GLU B 6 2.93 0.80 13.50
CA GLU B 6 1.57 1.26 13.34
C GLU B 6 0.85 1.18 14.67
N SER B 7 -0.17 2.03 14.84
CA SER B 7 -1.00 1.98 16.03
C SER B 7 -2.39 2.49 15.69
N GLY B 8 -3.37 2.00 16.44
CA GLY B 8 -4.75 2.40 16.23
C GLY B 8 -5.71 1.34 16.71
N PRO B 9 -7.01 1.57 16.52
CA PRO B 9 -8.01 0.60 16.98
C PRO B 9 -7.82 -0.74 16.30
N THR B 10 -8.21 -1.80 17.01
CA THR B 10 -8.22 -3.14 16.46
C THR B 10 -9.62 -3.65 16.17
N LEU B 11 -10.64 -2.84 16.45
CA LEU B 11 -12.03 -3.21 16.20
C LEU B 11 -12.84 -1.94 16.00
N VAL B 12 -13.39 -1.75 14.80
CA VAL B 12 -14.19 -0.57 14.51
C VAL B 12 -15.58 -1.03 14.05
N LYS B 13 -16.56 -0.19 14.34
CA LYS B 13 -17.93 -0.51 13.92
C LYS B 13 -18.13 -0.09 12.47
N PRO B 14 -18.97 -0.81 11.72
CA PRO B 14 -19.22 -0.44 10.33
C PRO B 14 -19.77 0.98 10.21
N THR B 15 -19.29 1.69 9.21
CA THR B 15 -19.51 3.10 8.86
C THR B 15 -18.66 4.05 9.69
N GLN B 16 -18.01 3.60 10.76
CA GLN B 16 -17.12 4.48 11.51
C GLN B 16 -15.84 4.75 10.72
N THR B 17 -15.03 5.65 11.26
CA THR B 17 -13.77 6.06 10.63
C THR B 17 -12.59 5.43 11.36
N LEU B 18 -11.70 4.81 10.59
CA LEU B 18 -10.46 4.25 11.13
C LEU B 18 -9.34 5.27 11.03
N THR B 19 -8.66 5.51 12.15
CA THR B 19 -7.51 6.40 12.20
C THR B 19 -6.28 5.58 12.60
N LEU B 20 -5.29 5.53 11.72
CA LEU B 20 -4.04 4.84 11.97
C LEU B 20 -2.89 5.83 12.03
N THR B 21 -1.98 5.61 12.97
CA THR B 21 -0.77 6.42 13.10
C THR B 21 0.45 5.54 12.88
N CYS B 22 1.41 6.04 12.11
CA CYS B 22 2.68 5.36 11.88
C CYS B 22 3.79 6.19 12.50
N SER B 23 4.43 5.64 13.53
CA SER B 23 5.58 6.27 14.16
C SER B 23 6.85 5.56 13.69
N PHE B 24 7.83 6.33 13.23
CA PHE B 24 9.02 5.74 12.65
C PHE B 24 10.28 6.32 13.28
N SER B 25 11.37 5.59 13.11
CA SER B 25 12.67 5.99 13.61
C SER B 25 13.74 5.48 12.66
N GLY B 26 14.85 6.22 12.56
CA GLY B 26 15.94 5.85 11.70
C GLY B 26 16.06 6.68 10.44
N PHE B 27 15.03 7.46 10.10
CA PHE B 27 15.08 8.32 8.92
C PHE B 27 14.24 9.55 9.20
N SER B 28 14.28 10.49 8.25
CA SER B 28 13.52 11.73 8.36
C SER B 28 12.67 11.91 7.11
N LEU B 29 11.46 12.44 7.30
CA LEU B 29 10.60 12.84 6.19
C LEU B 29 10.93 14.23 5.67
N SER B 30 11.98 14.87 6.17
CA SER B 30 12.47 16.11 5.59
C SER B 30 13.48 15.86 4.47
N THR B 31 13.90 14.62 4.29
CA THR B 31 14.89 14.28 3.27
C THR B 31 14.25 14.26 1.89
N SER B 32 14.97 14.80 0.91
CA SER B 32 14.48 14.83 -0.46
C SER B 32 14.31 13.41 -1.00
N GLY B 33 13.13 13.13 -1.54
CA GLY B 33 12.88 11.87 -2.20
C GLY B 33 12.34 10.76 -1.32
N VAL B 34 12.04 11.04 -0.05
CA VAL B 34 11.62 10.00 0.89
C VAL B 34 10.12 10.16 1.16
N GLY B 35 9.41 9.03 1.20
CA GLY B 35 8.01 9.04 1.54
C GLY B 35 7.67 7.89 2.47
N VAL B 36 6.43 7.92 2.96
CA VAL B 36 5.89 6.86 3.80
C VAL B 36 4.62 6.34 3.14
N GLY B 37 4.56 5.02 2.95
CA GLY B 37 3.41 4.43 2.30
C GLY B 37 2.56 3.59 3.23
N TRP B 38 1.33 3.28 2.82
CA TRP B 38 0.44 2.41 3.56
C TRP B 38 0.00 1.25 2.69
N ILE B 39 -0.10 0.07 3.29
CA ILE B 39 -0.52 -1.15 2.62
C ILE B 39 -1.48 -1.87 3.56
N ARG B 40 -2.38 -2.66 2.98
CA ARG B 40 -3.25 -3.51 3.77
C ARG B 40 -3.30 -4.90 3.13
N GLN B 41 -3.74 -5.87 3.92
CA GLN B 41 -3.75 -7.25 3.48
C GLN B 41 -4.89 -7.97 4.20
N PRO B 42 -6.02 -8.18 3.54
CA PRO B 42 -7.10 -8.97 4.12
C PRO B 42 -6.64 -10.38 4.43
N PRO B 43 -7.33 -11.08 5.34
CA PRO B 43 -6.89 -12.44 5.72
C PRO B 43 -6.89 -13.39 4.53
N GLY B 44 -5.71 -13.92 4.22
CA GLY B 44 -5.56 -14.87 3.13
C GLY B 44 -5.66 -14.29 1.75
N LYS B 45 -5.37 -13.00 1.58
CA LYS B 45 -5.47 -12.34 0.30
C LYS B 45 -4.20 -11.52 0.06
N ALA B 46 -4.13 -10.86 -1.10
CA ALA B 46 -2.92 -10.20 -1.53
C ALA B 46 -2.71 -8.88 -0.80
N LEU B 47 -1.48 -8.38 -0.88
CA LEU B 47 -1.19 -7.02 -0.45
C LEU B 47 -1.90 -6.01 -1.34
N GLU B 48 -2.45 -4.97 -0.73
CA GLU B 48 -3.13 -3.90 -1.48
C GLU B 48 -2.50 -2.57 -1.12
N TRP B 49 -1.81 -1.97 -2.08
CA TRP B 49 -1.29 -0.61 -1.90
C TRP B 49 -2.42 0.34 -1.59
N LEU B 50 -2.20 1.22 -0.62
CA LEU B 50 -3.23 2.16 -0.16
C LEU B 50 -2.87 3.59 -0.52
N ALA B 51 -1.87 4.17 0.13
CA ALA B 51 -1.57 5.58 -0.03
C ALA B 51 -0.10 5.83 0.27
N LEU B 52 0.35 7.02 -0.11
CA LEU B 52 1.73 7.46 0.07
C LEU B 52 1.72 8.94 0.40
N ILE B 53 2.52 9.34 1.37
CA ILE B 53 2.75 10.76 1.60
C ILE B 53 4.23 11.03 1.38
N ASP B 54 4.50 12.22 0.87
CA ASP B 54 5.75 12.58 0.23
C ASP B 54 6.45 13.63 1.09
N TRP B 55 7.79 13.65 1.03
CA TRP B 55 8.54 14.64 1.82
C TRP B 55 8.10 16.06 1.50
N ASP B 56 7.71 16.34 0.25
CA ASP B 56 7.23 17.65 -0.15
C ASP B 56 5.72 17.78 0.01
N ASP B 57 5.09 16.89 0.78
CA ASP B 57 3.67 16.88 1.09
C ASP B 57 2.80 16.49 -0.09
N ASN B 58 3.37 15.87 -1.13
CA ASN B 58 2.53 15.27 -2.16
C ASN B 58 1.83 14.04 -1.62
N LYS B 59 0.61 13.81 -2.09
CA LYS B 59 -0.20 12.70 -1.60
C LYS B 59 -0.75 11.92 -2.77
N TYR B 60 -0.61 10.60 -2.73
CA TYR B 60 -1.14 9.72 -3.75
C TYR B 60 -2.01 8.65 -3.09
N HIS B 61 -3.06 8.24 -3.79
CA HIS B 61 -4.02 7.29 -3.23
C HIS B 61 -4.42 6.28 -4.30
N THR B 62 -4.71 5.07 -3.84
CA THR B 62 -5.39 4.08 -4.69
C THR B 62 -6.69 4.67 -5.23
N THR B 63 -6.89 4.56 -6.54
CA THR B 63 -7.98 5.28 -7.20
C THR B 63 -9.34 4.86 -6.66
N SER B 64 -9.56 3.54 -6.50
CA SER B 64 -10.87 3.08 -6.04
C SER B 64 -11.13 3.42 -4.57
N LEU B 65 -10.17 4.01 -3.86
CA LEU B 65 -10.34 4.34 -2.45
C LEU B 65 -10.05 5.81 -2.15
N LYS B 66 -9.82 6.64 -3.17
CA LYS B 66 -9.32 7.99 -2.94
C LYS B 66 -10.32 8.84 -2.15
N THR B 67 -11.62 8.69 -2.42
CA THR B 67 -12.60 9.50 -1.72
C THR B 67 -12.74 9.13 -0.25
N ARG B 68 -12.13 8.03 0.19
CA ARG B 68 -12.22 7.60 1.58
C ARG B 68 -10.92 7.80 2.35
N LEU B 69 -9.82 8.13 1.69
CA LEU B 69 -8.49 8.14 2.30
C LEU B 69 -7.98 9.56 2.48
N THR B 70 -7.50 9.87 3.67
CA THR B 70 -6.78 11.10 3.95
C THR B 70 -5.44 10.73 4.60
N ILE B 71 -4.38 11.42 4.20
CA ILE B 71 -3.05 11.17 4.73
C ILE B 71 -2.40 12.51 5.06
N SER B 72 -1.62 12.52 6.15
CA SER B 72 -0.94 13.72 6.60
C SER B 72 0.32 13.31 7.35
N LYS B 73 1.21 14.26 7.57
CA LYS B 73 2.46 13.99 8.26
C LYS B 73 2.79 15.11 9.22
N ASP B 74 3.61 14.77 10.22
CA ASP B 74 4.19 15.74 11.15
C ASP B 74 5.68 15.39 11.23
N THR B 75 6.50 16.15 10.51
CA THR B 75 7.92 15.81 10.40
C THR B 75 8.61 15.86 11.74
N SER B 76 8.24 16.82 12.58
CA SER B 76 8.90 17.00 13.87
C SER B 76 8.66 15.82 14.80
N LYS B 77 7.50 15.16 14.70
CA LYS B 77 7.16 14.03 15.55
C LYS B 77 7.50 12.69 14.95
N ASN B 78 8.00 12.65 13.70
CA ASN B 78 8.23 11.40 12.97
C ASN B 78 6.97 10.54 12.93
N GLN B 79 5.89 11.12 12.44
CA GLN B 79 4.59 10.44 12.42
C GLN B 79 3.84 10.73 11.13
N VAL B 80 3.15 9.72 10.63
CA VAL B 80 2.23 9.84 9.51
C VAL B 80 0.88 9.28 9.96
N VAL B 81 -0.20 9.95 9.57
CA VAL B 81 -1.55 9.59 10.00
C VAL B 81 -2.40 9.32 8.77
N LEU B 82 -3.04 8.15 8.75
CA LEU B 82 -3.93 7.75 7.67
C LEU B 82 -5.32 7.51 8.24
N THR B 83 -6.33 8.14 7.63
CA THR B 83 -7.72 7.95 8.02
C THR B 83 -8.49 7.37 6.84
N MET B 84 -9.28 6.34 7.11
CA MET B 84 -10.14 5.72 6.11
C MET B 84 -11.57 5.77 6.62
N THR B 85 -12.45 6.41 5.86
CA THR B 85 -13.82 6.64 6.29
C THR B 85 -14.74 5.52 5.79
N ASN B 86 -15.87 5.38 6.48
CA ASN B 86 -16.95 4.48 6.07
C ASN B 86 -16.47 3.04 5.97
N MET B 87 -15.98 2.53 7.11
CA MET B 87 -15.38 1.21 7.16
C MET B 87 -16.44 0.12 7.03
N ASP B 88 -16.17 -0.88 6.18
CA ASP B 88 -16.98 -2.04 5.86
C ASP B 88 -16.30 -3.31 6.36
N PRO B 89 -17.07 -4.36 6.66
CA PRO B 89 -16.43 -5.64 7.04
C PRO B 89 -15.37 -6.13 6.06
N VAL B 90 -15.53 -5.87 4.76
CA VAL B 90 -14.51 -6.27 3.79
C VAL B 90 -13.21 -5.50 3.96
N ASP B 91 -13.21 -4.42 4.73
CA ASP B 91 -11.99 -3.68 5.03
C ASP B 91 -11.19 -4.31 6.17
N THR B 92 -11.66 -5.43 6.73
CA THR B 92 -10.93 -6.16 7.75
C THR B 92 -9.61 -6.66 7.16
N ALA B 93 -8.49 -6.13 7.65
CA ALA B 93 -7.20 -6.47 7.09
C ALA B 93 -6.12 -6.19 8.13
N THR B 94 -4.89 -6.56 7.79
CA THR B 94 -3.71 -6.13 8.53
C THR B 94 -3.12 -4.94 7.78
N TYR B 95 -2.97 -3.81 8.48
CA TYR B 95 -2.54 -2.57 7.87
C TYR B 95 -1.08 -2.29 8.20
N TYR B 96 -0.29 -2.03 7.16
CA TYR B 96 1.13 -1.77 7.28
C TYR B 96 1.44 -0.34 6.89
N CYS B 97 2.52 0.20 7.46
CA CYS B 97 3.20 1.34 6.87
C CYS B 97 4.62 0.91 6.51
N ALA B 98 5.26 1.69 5.64
CA ALA B 98 6.57 1.32 5.13
C ALA B 98 7.28 2.57 4.63
N ARG B 99 8.61 2.48 4.58
CA ARG B 99 9.41 3.61 4.10
C ARG B 99 9.66 3.45 2.60
N ILE B 100 9.49 4.55 1.88
CA ILE B 100 9.83 4.62 0.46
C ILE B 100 11.09 5.44 0.35
N PRO B 101 12.27 4.80 0.25
CA PRO B 101 13.52 5.58 0.28
C PRO B 101 13.71 6.48 -0.92
N GLY B 102 12.99 6.24 -2.02
CA GLY B 102 13.12 7.05 -3.21
C GLY B 102 11.83 7.18 -3.98
N PHE B 103 11.29 8.40 -4.03
CA PHE B 103 10.05 8.66 -4.78
C PHE B 103 10.14 10.07 -5.33
N LEU B 104 10.21 10.20 -6.65
CA LEU B 104 10.34 11.48 -7.32
C LEU B 104 9.42 11.52 -8.54
N ARG B 105 9.01 12.73 -8.92
CA ARG B 105 8.13 12.91 -10.06
C ARG B 105 8.58 14.10 -10.91
N TYR B 106 8.79 13.85 -12.20
CA TYR B 106 9.09 14.88 -13.19
C TYR B 106 8.00 14.83 -14.26
N ARG B 107 7.00 15.70 -14.11
CA ARG B 107 5.85 15.74 -15.03
C ARG B 107 5.14 14.40 -15.14
N ASN B 108 5.41 13.66 -16.22
CA ASN B 108 4.79 12.36 -16.40
C ASN B 108 5.65 11.19 -15.94
N ARG B 109 6.95 11.38 -15.81
CA ARG B 109 7.85 10.31 -15.40
C ARG B 109 7.94 10.24 -13.87
N TYR B 110 8.12 9.02 -13.38
CA TYR B 110 8.26 8.77 -11.95
C TYR B 110 9.52 7.95 -11.68
N TYR B 111 10.10 8.14 -10.51
CA TYR B 111 10.95 7.12 -9.90
C TYR B 111 10.31 6.68 -8.61
N TYR B 112 10.11 5.37 -8.46
CA TYR B 112 9.47 4.81 -7.26
C TYR B 112 10.26 3.56 -6.90
N TYR B 113 11.12 3.70 -5.90
CA TYR B 113 11.93 2.59 -5.41
C TYR B 113 11.06 1.40 -5.05
N GLY B 114 9.99 1.64 -4.30
CA GLY B 114 9.27 0.58 -3.63
C GLY B 114 9.31 0.80 -2.14
N MET B 115 9.06 -0.25 -1.37
CA MET B 115 9.01 -0.16 0.10
C MET B 115 10.10 -1.04 0.68
N ASP B 116 11.17 -0.42 1.19
CA ASP B 116 12.33 -1.17 1.65
C ASP B 116 12.23 -1.58 3.11
N VAL B 117 11.42 -0.89 3.92
CA VAL B 117 11.30 -1.19 5.34
C VAL B 117 9.83 -1.14 5.73
N TRP B 118 9.30 -2.29 6.15
CA TRP B 118 7.90 -2.39 6.54
C TRP B 118 7.75 -2.42 8.05
N GLY B 119 6.61 -1.90 8.52
CA GLY B 119 6.27 -1.98 9.92
C GLY B 119 5.78 -3.38 10.31
N GLN B 120 5.54 -3.55 11.61
CA GLN B 120 5.03 -4.83 12.10
C GLN B 120 3.65 -5.12 11.53
N GLY B 121 2.83 -4.08 11.37
CA GLY B 121 1.47 -4.26 10.91
C GLY B 121 0.49 -4.39 12.06
N THR B 122 -0.66 -3.75 11.95
CA THR B 122 -1.73 -3.85 12.94
C THR B 122 -2.99 -4.36 12.27
N THR B 123 -3.70 -5.25 12.96
CA THR B 123 -4.87 -5.93 12.40
C THR B 123 -6.13 -5.22 12.85
N VAL B 124 -6.92 -4.73 11.89
CA VAL B 124 -8.16 -4.02 12.15
C VAL B 124 -9.31 -4.88 11.67
N THR B 125 -10.27 -5.12 12.55
CA THR B 125 -11.48 -5.88 12.24
C THR B 125 -12.67 -4.94 12.27
N VAL B 126 -13.50 -5.00 11.23
CA VAL B 126 -14.71 -4.19 11.12
C VAL B 126 -15.90 -5.13 11.30
N SER B 127 -16.67 -4.92 12.35
CA SER B 127 -17.79 -5.81 12.65
C SER B 127 -18.79 -5.10 13.55
N SER B 128 -20.08 -5.32 13.26
CA SER B 128 -21.16 -4.87 14.11
C SER B 128 -21.57 -5.92 15.14
N ALA B 129 -20.97 -7.11 15.09
CA ALA B 129 -21.34 -8.19 15.99
C ALA B 129 -20.99 -7.85 17.43
N SER B 130 -21.80 -8.37 18.35
CA SER B 130 -21.54 -8.27 19.77
C SER B 130 -20.97 -9.59 20.28
N THR B 131 -20.41 -9.55 21.49
CA THR B 131 -19.77 -10.72 22.06
C THR B 131 -20.77 -11.84 22.28
N LYS B 132 -20.45 -13.04 21.77
CA LYS B 132 -21.33 -14.19 21.88
C LYS B 132 -20.50 -15.45 22.06
N GLY B 133 -20.92 -16.31 22.98
CA GLY B 133 -20.30 -17.59 23.17
C GLY B 133 -20.72 -18.58 22.12
N PRO B 134 -19.88 -19.59 21.87
CA PRO B 134 -20.16 -20.53 20.80
C PRO B 134 -21.14 -21.63 21.20
N SER B 135 -21.79 -22.18 20.20
CA SER B 135 -22.53 -23.43 20.32
C SER B 135 -21.65 -24.55 19.77
N VAL B 136 -21.66 -25.69 20.47
CA VAL B 136 -20.77 -26.80 20.13
C VAL B 136 -21.62 -28.03 19.81
N PHE B 137 -21.36 -28.62 18.65
CA PHE B 137 -22.09 -29.77 18.18
C PHE B 137 -21.11 -30.90 17.86
N PRO B 138 -21.49 -32.15 18.10
CA PRO B 138 -20.56 -33.26 17.85
C PRO B 138 -20.58 -33.69 16.39
N LEU B 139 -19.40 -34.07 15.90
CA LEU B 139 -19.25 -34.69 14.59
C LEU B 139 -19.07 -36.19 14.83
N ALA B 140 -20.17 -36.93 14.78
CA ALA B 140 -20.14 -38.33 15.17
C ALA B 140 -19.32 -39.15 14.18
N PRO B 141 -18.60 -40.17 14.65
CA PRO B 141 -17.80 -40.99 13.73
C PRO B 141 -18.67 -41.68 12.68
N SER B 142 -18.14 -41.76 11.47
CA SER B 142 -18.93 -42.28 10.35
C SER B 142 -19.25 -43.76 10.53
N SER B 143 -18.29 -44.54 11.04
CA SER B 143 -18.50 -45.97 11.24
C SER B 143 -19.35 -46.23 12.48
N THR B 150 -9.40 -47.01 10.24
CA THR B 150 -9.49 -45.88 11.15
C THR B 150 -10.76 -45.07 10.90
N ALA B 151 -11.18 -44.30 11.91
CA ALA B 151 -12.35 -43.46 11.83
C ALA B 151 -12.00 -42.04 12.26
N ALA B 152 -12.82 -41.08 11.84
CA ALA B 152 -12.62 -39.68 12.15
C ALA B 152 -13.83 -39.17 12.91
N LEU B 153 -13.57 -38.42 13.99
CA LEU B 153 -14.62 -37.78 14.77
C LEU B 153 -14.15 -36.39 15.16
N GLY B 154 -15.08 -35.57 15.62
CA GLY B 154 -14.72 -34.24 16.06
C GLY B 154 -15.94 -33.50 16.58
N CYS B 155 -15.77 -32.20 16.77
CA CYS B 155 -16.89 -31.36 17.20
C CYS B 155 -16.80 -30.01 16.50
N LEU B 156 -17.97 -29.42 16.27
CA LEU B 156 -18.11 -28.19 15.50
C LEU B 156 -18.41 -27.04 16.44
N VAL B 157 -17.50 -26.07 16.49
CA VAL B 157 -17.66 -24.86 17.28
C VAL B 157 -18.23 -23.78 16.38
N LYS B 158 -19.43 -23.29 16.72
CA LYS B 158 -20.23 -22.53 15.78
C LYS B 158 -20.72 -21.23 16.39
N ASP B 159 -20.73 -20.17 15.56
CA ASP B 159 -21.41 -18.91 15.85
C ASP B 159 -20.89 -18.27 17.14
N TYR B 160 -19.63 -17.86 17.11
CA TYR B 160 -19.03 -17.14 18.23
C TYR B 160 -18.35 -15.88 17.74
N PHE B 161 -18.18 -14.93 18.66
CA PHE B 161 -17.51 -13.67 18.40
C PHE B 161 -17.05 -13.09 19.72
N PRO B 162 -15.82 -12.55 19.80
CA PRO B 162 -14.85 -12.55 18.71
C PRO B 162 -13.91 -13.75 18.80
N GLU B 163 -12.87 -13.76 17.96
CA GLU B 163 -11.82 -14.74 18.13
C GLU B 163 -11.06 -14.46 19.43
N PRO B 164 -10.41 -15.48 20.02
CA PRO B 164 -10.39 -16.88 19.59
C PRO B 164 -11.13 -17.82 20.54
N VAL B 165 -11.22 -19.09 20.15
CA VAL B 165 -11.59 -20.16 21.06
C VAL B 165 -10.42 -21.13 21.13
N THR B 166 -10.26 -21.75 22.30
CA THR B 166 -9.30 -22.83 22.47
C THR B 166 -10.05 -24.14 22.63
N VAL B 167 -9.56 -25.18 21.97
CA VAL B 167 -10.21 -26.49 21.98
C VAL B 167 -9.19 -27.52 22.43
N SER B 168 -9.53 -28.28 23.47
CA SER B 168 -8.79 -29.46 23.88
C SER B 168 -9.72 -30.65 23.90
N TRP B 169 -9.15 -31.84 24.07
CA TRP B 169 -9.91 -33.09 24.09
C TRP B 169 -9.62 -33.82 25.40
N ASN B 170 -10.70 -34.19 26.10
CA ASN B 170 -10.60 -34.89 27.39
C ASN B 170 -9.77 -34.09 28.39
N SER B 171 -9.99 -32.78 28.43
CA SER B 171 -9.32 -31.88 29.38
C SER B 171 -7.80 -31.92 29.22
N GLY B 172 -7.34 -32.10 27.98
CA GLY B 172 -5.93 -32.16 27.67
C GLY B 172 -5.34 -33.55 27.69
N ALA B 173 -6.12 -34.57 28.05
CA ALA B 173 -5.58 -35.92 28.10
C ALA B 173 -5.33 -36.47 26.70
N LEU B 174 -6.11 -36.05 25.71
CA LEU B 174 -5.99 -36.55 24.34
C LEU B 174 -5.25 -35.51 23.50
N THR B 175 -4.05 -35.87 23.07
CA THR B 175 -3.24 -35.06 22.18
C THR B 175 -2.92 -35.74 20.87
N SER B 176 -2.76 -37.06 20.87
CA SER B 176 -2.37 -37.78 19.67
C SER B 176 -3.52 -37.82 18.66
N GLY B 177 -3.21 -37.48 17.41
CA GLY B 177 -4.21 -37.52 16.36
C GLY B 177 -5.21 -36.38 16.38
N VAL B 178 -4.91 -35.31 17.11
CA VAL B 178 -5.82 -34.18 17.28
C VAL B 178 -5.34 -33.02 16.43
N HIS B 179 -6.25 -32.45 15.64
CA HIS B 179 -5.96 -31.27 14.84
C HIS B 179 -7.17 -30.34 14.87
N THR B 180 -6.92 -29.07 15.21
CA THR B 180 -7.95 -28.05 15.26
C THR B 180 -7.74 -27.05 14.14
N PHE B 181 -8.79 -26.79 13.36
CA PHE B 181 -8.68 -25.96 12.17
C PHE B 181 -8.78 -24.47 12.50
N PRO B 182 -8.26 -23.61 11.62
CA PRO B 182 -8.50 -22.18 11.76
C PRO B 182 -9.96 -21.84 11.49
N ALA B 183 -10.37 -20.68 12.02
CA ALA B 183 -11.77 -20.30 11.99
C ALA B 183 -12.19 -19.78 10.61
N VAL B 184 -13.49 -19.88 10.34
CA VAL B 184 -14.11 -19.26 9.18
C VAL B 184 -15.02 -18.16 9.67
N LEU B 185 -15.11 -17.09 8.88
CA LEU B 185 -16.06 -16.01 9.13
C LEU B 185 -17.25 -16.21 8.19
N GLN B 186 -18.42 -16.43 8.76
CA GLN B 186 -19.62 -16.63 7.97
C GLN B 186 -20.20 -15.27 7.56
N SER B 187 -21.17 -15.32 6.63
CA SER B 187 -21.85 -14.10 6.20
C SER B 187 -22.60 -13.43 7.35
N SER B 188 -23.00 -14.19 8.38
CA SER B 188 -23.69 -13.63 9.53
C SER B 188 -22.79 -12.75 10.39
N GLY B 189 -21.48 -12.77 10.17
CA GLY B 189 -20.55 -12.05 11.01
C GLY B 189 -20.01 -12.82 12.18
N LEU B 190 -20.37 -14.08 12.33
CA LEU B 190 -19.95 -14.92 13.44
C LEU B 190 -18.97 -15.98 12.95
N TYR B 191 -18.04 -16.36 13.82
CA TYR B 191 -16.99 -17.30 13.48
C TYR B 191 -17.40 -18.73 13.80
N SER B 192 -16.84 -19.66 13.02
CA SER B 192 -17.03 -21.09 13.25
C SER B 192 -15.69 -21.79 13.07
N LEU B 193 -15.56 -22.95 13.69
CA LEU B 193 -14.30 -23.66 13.77
C LEU B 193 -14.59 -25.14 14.01
N SER B 194 -13.63 -25.98 13.61
CA SER B 194 -13.74 -27.41 13.79
C SER B 194 -12.47 -27.97 14.40
N SER B 195 -12.62 -29.08 15.12
CA SER B 195 -11.51 -29.81 15.70
C SER B 195 -11.78 -31.30 15.51
N VAL B 196 -10.81 -32.02 14.95
CA VAL B 196 -11.02 -33.40 14.52
C VAL B 196 -9.96 -34.29 15.16
N VAL B 197 -10.35 -35.53 15.47
CA VAL B 197 -9.46 -36.55 16.01
C VAL B 197 -9.54 -37.77 15.13
N THR B 198 -8.38 -38.32 14.75
CA THR B 198 -8.30 -39.55 13.98
C THR B 198 -8.04 -40.72 14.93
N VAL B 199 -8.96 -41.67 14.97
CA VAL B 199 -8.91 -42.75 15.95
C VAL B 199 -9.05 -44.08 15.22
N PRO B 200 -8.55 -45.16 15.82
CA PRO B 200 -8.80 -46.50 15.26
C PRO B 200 -10.28 -46.86 15.38
N SER B 201 -10.83 -47.40 14.29
CA SER B 201 -12.26 -47.68 14.26
C SER B 201 -12.67 -48.76 15.26
N SER B 202 -11.71 -49.50 15.81
CA SER B 202 -12.01 -50.54 16.79
C SER B 202 -12.26 -49.99 18.19
N SER B 203 -11.94 -48.72 18.44
CA SER B 203 -12.12 -48.11 19.75
C SER B 203 -13.35 -47.22 19.83
N LEU B 204 -14.23 -47.27 18.83
CA LEU B 204 -15.40 -46.39 18.82
C LEU B 204 -16.34 -46.72 19.97
N GLY B 205 -16.63 -48.00 20.20
CA GLY B 205 -17.47 -48.40 21.30
C GLY B 205 -16.79 -48.56 22.63
N THR B 206 -15.49 -48.25 22.70
CA THR B 206 -14.71 -48.42 23.93
C THR B 206 -14.23 -47.09 24.49
N GLN B 207 -13.37 -46.37 23.76
CA GLN B 207 -12.86 -45.10 24.23
C GLN B 207 -13.92 -44.01 24.09
N THR B 208 -13.82 -43.00 24.94
CA THR B 208 -14.73 -41.86 24.92
C THR B 208 -13.96 -40.58 24.60
N TYR B 209 -14.63 -39.66 23.92
CA TYR B 209 -14.01 -38.45 23.43
C TYR B 209 -14.87 -37.25 23.81
N ILE B 210 -14.27 -36.32 24.54
CA ILE B 210 -14.95 -35.12 25.01
C ILE B 210 -14.10 -33.92 24.61
N CYS B 211 -14.65 -33.05 23.76
CA CYS B 211 -13.96 -31.83 23.35
C CYS B 211 -14.37 -30.70 24.27
N ASN B 212 -13.39 -30.00 24.81
CA ASN B 212 -13.61 -28.87 25.71
C ASN B 212 -13.36 -27.57 24.96
N VAL B 213 -14.38 -26.73 24.86
CA VAL B 213 -14.29 -25.47 24.15
C VAL B 213 -14.30 -24.33 25.16
N ASN B 214 -13.33 -23.44 25.04
CA ASN B 214 -13.18 -22.31 25.95
C ASN B 214 -13.15 -21.03 25.14
N HIS B 215 -14.10 -20.13 25.42
CA HIS B 215 -14.18 -18.82 24.76
C HIS B 215 -14.02 -17.76 25.84
N LYS B 216 -12.82 -17.18 25.93
CA LYS B 216 -12.53 -16.22 26.98
C LYS B 216 -13.36 -14.93 26.90
N PRO B 217 -13.59 -14.32 25.74
CA PRO B 217 -14.33 -13.04 25.73
C PRO B 217 -15.72 -13.11 26.35
N SER B 218 -16.48 -14.18 26.09
CA SER B 218 -17.82 -14.31 26.65
C SER B 218 -17.84 -15.11 27.94
N ASN B 219 -16.68 -15.47 28.48
CA ASN B 219 -16.58 -16.28 29.69
C ASN B 219 -17.40 -17.55 29.57
N THR B 220 -17.28 -18.22 28.43
CA THR B 220 -18.04 -19.41 28.12
C THR B 220 -17.11 -20.61 28.07
N LYS B 221 -17.45 -21.66 28.80
CA LYS B 221 -16.69 -22.91 28.82
C LYS B 221 -17.69 -24.04 28.69
N VAL B 222 -17.64 -24.77 27.59
CA VAL B 222 -18.62 -25.79 27.28
C VAL B 222 -17.92 -27.10 26.91
N ASP B 223 -18.56 -28.21 27.27
CA ASP B 223 -18.04 -29.55 27.02
C ASP B 223 -19.06 -30.36 26.25
N LYS B 224 -18.57 -31.21 25.35
CA LYS B 224 -19.44 -32.02 24.51
C LYS B 224 -18.82 -33.40 24.33
N ARG B 225 -19.63 -34.44 24.50
CA ARG B 225 -19.19 -35.81 24.31
C ARG B 225 -19.50 -36.26 22.89
N VAL B 226 -18.48 -36.74 22.19
CA VAL B 226 -18.62 -37.22 20.81
C VAL B 226 -18.78 -38.74 20.86
N GLU B 227 -19.95 -39.21 20.41
CA GLU B 227 -20.30 -40.61 20.49
C GLU B 227 -20.73 -41.11 19.12
N PRO B 228 -20.49 -42.39 18.82
CA PRO B 228 -20.93 -42.94 17.53
C PRO B 228 -22.44 -43.04 17.48
N LYS B 229 -23.02 -42.60 16.36
CA LYS B 229 -24.47 -42.60 16.19
C LYS B 229 -24.98 -44.01 15.91
N SER B 230 -26.14 -44.33 16.48
CA SER B 230 -26.77 -45.61 16.24
C SER B 230 -27.42 -45.67 14.87
N CYS B 231 -27.92 -44.54 14.37
CA CYS B 231 -28.52 -44.43 13.04
C CYS B 231 -29.70 -45.39 12.89
N GLU C 1 -9.99 -5.08 -10.35
CA GLU C 1 -9.20 -6.28 -10.60
C GLU C 1 -7.76 -5.90 -10.42
N LEU C 2 -6.88 -6.88 -10.59
CA LEU C 2 -5.44 -6.68 -10.44
C LEU C 2 -4.82 -6.25 -11.77
N VAL C 3 -3.99 -5.21 -11.72
CA VAL C 3 -3.28 -4.75 -12.91
C VAL C 3 -1.93 -5.44 -13.09
N LEU C 4 -1.51 -6.26 -12.12
CA LEU C 4 -0.32 -7.09 -12.24
C LEU C 4 -0.72 -8.54 -12.04
N THR C 5 -0.22 -9.43 -12.89
CA THR C 5 -0.62 -10.83 -12.88
C THR C 5 0.56 -11.70 -12.48
N GLN C 6 0.38 -12.50 -11.42
CA GLN C 6 1.32 -13.51 -10.99
C GLN C 6 0.65 -14.88 -11.04
N PRO C 7 1.42 -15.95 -11.26
CA PRO C 7 0.88 -17.30 -11.06
C PRO C 7 0.53 -17.51 -9.61
N PRO C 8 -0.57 -18.19 -9.32
CA PRO C 8 -0.95 -18.39 -7.91
C PRO C 8 0.03 -19.24 -7.13
N SER C 9 0.75 -20.16 -7.77
CA SER C 9 1.63 -21.07 -7.04
C SER C 9 2.79 -21.50 -7.93
N VAL C 10 3.84 -22.00 -7.28
CA VAL C 10 5.00 -22.54 -7.98
C VAL C 10 5.73 -23.46 -7.01
N SER C 11 6.30 -24.54 -7.54
CA SER C 11 6.87 -25.56 -6.67
C SER C 11 8.11 -26.17 -7.30
N ALA C 12 9.03 -26.60 -6.44
CA ALA C 12 10.23 -27.31 -6.87
C ALA C 12 10.81 -28.07 -5.67
N ALA C 13 11.87 -28.84 -5.93
CA ALA C 13 12.57 -29.59 -4.90
C ALA C 13 13.71 -28.78 -4.30
N PRO C 14 14.20 -29.14 -3.12
CA PRO C 14 15.32 -28.39 -2.53
C PRO C 14 16.56 -28.47 -3.40
N GLY C 15 17.25 -27.33 -3.52
CA GLY C 15 18.40 -27.22 -4.38
C GLY C 15 18.09 -26.86 -5.82
N GLN C 16 16.84 -27.00 -6.25
CA GLN C 16 16.47 -26.69 -7.62
C GLN C 16 16.22 -25.18 -7.78
N LYS C 17 15.92 -24.78 -9.01
CA LYS C 17 15.67 -23.39 -9.36
C LYS C 17 14.19 -23.21 -9.68
N VAL C 18 13.62 -22.10 -9.20
CA VAL C 18 12.24 -21.75 -9.50
C VAL C 18 12.22 -20.30 -9.96
N THR C 19 11.26 -19.98 -10.83
CA THR C 19 11.08 -18.62 -11.31
C THR C 19 9.62 -18.21 -11.14
N ILE C 20 9.42 -16.97 -10.70
CA ILE C 20 8.09 -16.39 -10.54
C ILE C 20 7.99 -15.19 -11.47
N SER C 21 6.94 -15.15 -12.29
CA SER C 21 6.79 -14.11 -13.30
C SER C 21 5.71 -13.12 -12.89
N CYS C 22 5.76 -11.94 -13.50
CA CYS C 22 4.85 -10.86 -13.18
C CYS C 22 4.63 -10.04 -14.44
N SER C 23 3.40 -10.01 -14.93
CA SER C 23 3.07 -9.30 -16.17
C SER C 23 2.18 -8.11 -15.88
N GLY C 24 2.45 -7.00 -16.57
CA GLY C 24 1.64 -5.81 -16.45
C GLY C 24 1.48 -5.07 -17.77
N SER C 25 1.27 -3.77 -17.71
CA SER C 25 1.16 -2.93 -18.90
C SER C 25 2.36 -1.99 -18.96
N SER C 26 2.40 -1.19 -20.02
CA SER C 26 3.41 -0.14 -20.10
C SER C 26 3.17 0.96 -19.08
N SER C 27 1.97 1.01 -18.48
CA SER C 27 1.70 2.04 -17.48
C SER C 27 2.42 1.75 -16.18
N ASN C 28 2.76 0.48 -15.92
CA ASN C 28 3.46 0.12 -14.70
C ASN C 28 4.80 -0.49 -15.08
N ILE C 29 4.88 -1.81 -15.28
CA ILE C 29 6.18 -2.48 -15.41
C ILE C 29 6.94 -1.94 -16.61
N GLY C 30 6.23 -1.56 -17.67
CA GLY C 30 6.90 -1.17 -18.90
C GLY C 30 7.78 0.06 -18.76
N ASN C 31 7.42 0.98 -17.86
CA ASN C 31 8.14 2.24 -17.73
C ASN C 31 8.61 2.54 -16.32
N ASN C 32 8.38 1.67 -15.35
CA ASN C 32 8.75 1.93 -13.97
C ASN C 32 9.56 0.76 -13.43
N TYR C 33 10.28 1.02 -12.35
CA TYR C 33 11.14 0.01 -11.75
C TYR C 33 10.33 -0.97 -10.92
N VAL C 34 10.70 -2.25 -11.02
CA VAL C 34 10.00 -3.34 -10.36
C VAL C 34 10.76 -3.73 -9.09
N SER C 35 10.01 -3.97 -8.01
CA SER C 35 10.56 -4.48 -6.77
C SER C 35 9.82 -5.75 -6.37
N TRP C 36 10.54 -6.67 -5.73
CA TRP C 36 9.99 -7.95 -5.31
C TRP C 36 10.01 -8.05 -3.79
N TYR C 37 9.05 -8.79 -3.24
CA TYR C 37 8.89 -8.91 -1.80
C TYR C 37 8.64 -10.36 -1.42
N GLN C 38 9.19 -10.75 -0.26
CA GLN C 38 8.97 -12.06 0.32
C GLN C 38 8.18 -11.91 1.61
N GLN C 39 7.19 -12.78 1.81
CA GLN C 39 6.36 -12.75 3.02
C GLN C 39 6.25 -14.16 3.60
N LEU C 40 7.05 -14.44 4.63
CA LEU C 40 6.92 -15.70 5.35
C LEU C 40 5.58 -15.74 6.08
N PRO C 41 5.09 -16.94 6.41
CA PRO C 41 3.78 -17.03 7.08
C PRO C 41 3.80 -16.34 8.43
N GLY C 42 2.85 -15.42 8.62
CA GLY C 42 2.65 -14.77 9.90
C GLY C 42 3.48 -13.52 10.15
N THR C 43 4.20 -13.01 9.15
CA THR C 43 5.05 -11.86 9.34
C THR C 43 4.85 -10.86 8.21
N ALA C 44 5.48 -9.69 8.36
CA ALA C 44 5.40 -8.63 7.38
C ALA C 44 6.22 -8.95 6.14
N PRO C 45 5.88 -8.36 5.00
CA PRO C 45 6.70 -8.55 3.80
C PRO C 45 8.12 -8.02 3.99
N LYS C 46 9.00 -8.43 3.07
CA LYS C 46 10.42 -8.11 3.13
C LYS C 46 10.93 -7.89 1.72
N LEU C 47 11.59 -6.76 1.48
CA LEU C 47 12.07 -6.43 0.15
C LEU C 47 13.19 -7.37 -0.26
N LEU C 48 13.02 -8.00 -1.43
CA LEU C 48 14.01 -8.89 -2.02
C LEU C 48 14.81 -8.22 -3.13
N ILE C 49 14.13 -7.52 -4.03
CA ILE C 49 14.74 -6.91 -5.21
C ILE C 49 14.21 -5.49 -5.34
N TYR C 50 15.05 -4.61 -5.86
CA TYR C 50 14.65 -3.26 -6.24
C TYR C 50 15.38 -2.90 -7.52
N ASP C 51 14.87 -1.89 -8.21
CA ASP C 51 15.42 -1.46 -9.50
C ASP C 51 15.62 -2.65 -10.44
N ASN C 52 14.60 -3.51 -10.50
CA ASN C 52 14.52 -4.67 -11.41
C ASN C 52 15.44 -5.82 -11.03
N ASN C 53 16.70 -5.53 -10.67
CA ASN C 53 17.65 -6.62 -10.48
C ASN C 53 18.64 -6.40 -9.33
N LYS C 54 18.51 -5.34 -8.55
CA LYS C 54 19.43 -5.08 -7.46
C LYS C 54 18.92 -5.69 -6.16
N ARG C 55 19.86 -6.18 -5.34
CA ARG C 55 19.53 -6.73 -4.03
C ARG C 55 19.92 -5.76 -2.93
N PRO C 56 19.07 -5.56 -1.94
CA PRO C 56 19.49 -4.79 -0.76
C PRO C 56 20.45 -5.60 0.10
N SER C 57 21.03 -4.92 1.09
CA SER C 57 21.99 -5.56 1.98
C SER C 57 21.31 -6.66 2.78
N GLY C 58 21.93 -7.84 2.78
CA GLY C 58 21.42 -9.00 3.50
C GLY C 58 20.71 -10.03 2.64
N ILE C 59 20.53 -9.76 1.35
CA ILE C 59 19.87 -10.70 0.44
C ILE C 59 20.96 -11.44 -0.33
N PRO C 60 20.97 -12.77 -0.30
CA PRO C 60 22.07 -13.51 -0.95
C PRO C 60 21.90 -13.58 -2.47
N ASP C 61 22.96 -14.07 -3.11
CA ASP C 61 22.98 -14.22 -4.56
C ASP C 61 21.88 -15.17 -5.06
N ARG C 62 21.27 -15.95 -4.17
CA ARG C 62 20.28 -16.94 -4.60
C ARG C 62 19.07 -16.29 -5.24
N PHE C 63 18.74 -15.05 -4.86
CA PHE C 63 17.63 -14.31 -5.43
C PHE C 63 18.14 -13.37 -6.51
N SER C 64 17.49 -13.37 -7.66
CA SER C 64 17.82 -12.45 -8.75
C SER C 64 16.53 -11.93 -9.36
N GLY C 65 16.64 -10.83 -10.07
CA GLY C 65 15.50 -10.23 -10.73
C GLY C 65 15.83 -9.84 -12.16
N SER C 66 14.81 -9.83 -12.99
CA SER C 66 14.96 -9.39 -14.38
C SER C 66 13.67 -8.72 -14.82
N LYS C 67 13.78 -7.90 -15.86
CA LYS C 67 12.64 -7.23 -16.43
C LYS C 67 12.84 -7.11 -17.94
N SER C 68 11.82 -7.47 -18.71
CA SER C 68 11.85 -7.33 -20.16
C SER C 68 10.48 -6.89 -20.63
N GLY C 69 10.42 -5.74 -21.31
CA GLY C 69 9.17 -5.21 -21.79
C GLY C 69 8.20 -4.86 -20.68
N THR C 70 7.09 -5.60 -20.60
CA THR C 70 6.08 -5.38 -19.58
C THR C 70 5.98 -6.58 -18.63
N SER C 71 7.06 -7.34 -18.49
CA SER C 71 7.08 -8.51 -17.63
C SER C 71 8.34 -8.50 -16.78
N ALA C 72 8.20 -8.95 -15.53
CA ALA C 72 9.32 -9.10 -14.62
C ALA C 72 9.37 -10.54 -14.11
N THR C 73 10.56 -10.98 -13.72
CA THR C 73 10.76 -12.34 -13.26
C THR C 73 11.64 -12.36 -12.02
N LEU C 74 11.23 -13.11 -11.00
CA LEU C 74 12.05 -13.37 -9.82
C LEU C 74 12.55 -14.80 -9.89
N GLY C 75 13.86 -14.97 -9.79
CA GLY C 75 14.48 -16.29 -9.83
C GLY C 75 15.10 -16.63 -8.48
N ILE C 76 14.82 -17.85 -8.03
CA ILE C 76 15.33 -18.35 -6.76
C ILE C 76 15.99 -19.71 -7.00
N THR C 77 17.30 -19.79 -6.78
CA THR C 77 18.06 -21.01 -6.97
C THR C 77 18.51 -21.58 -5.63
N GLY C 78 18.78 -22.88 -5.63
CA GLY C 78 19.21 -23.57 -4.42
C GLY C 78 18.17 -23.54 -3.32
N LEU C 79 16.94 -23.93 -3.67
CA LEU C 79 15.81 -23.79 -2.76
C LEU C 79 16.08 -24.47 -1.42
N GLN C 80 15.76 -23.77 -0.34
CA GLN C 80 15.76 -24.31 1.01
C GLN C 80 14.33 -24.34 1.53
N THR C 81 14.09 -25.19 2.53
CA THR C 81 12.76 -25.27 3.12
C THR C 81 12.32 -23.93 3.69
N GLY C 82 13.26 -23.14 4.21
CA GLY C 82 12.95 -21.82 4.75
C GLY C 82 12.54 -20.78 3.72
N ASP C 83 12.57 -21.11 2.44
CA ASP C 83 12.14 -20.19 1.39
C ASP C 83 10.64 -20.26 1.12
N GLU C 84 9.92 -21.19 1.76
CA GLU C 84 8.48 -21.29 1.56
C GLU C 84 7.79 -20.04 2.06
N ALA C 85 7.18 -19.28 1.15
CA ALA C 85 6.57 -18.00 1.48
C ALA C 85 5.79 -17.52 0.26
N ASP C 86 4.99 -16.48 0.48
CA ASP C 86 4.34 -15.78 -0.62
C ASP C 86 5.29 -14.73 -1.17
N TYR C 87 5.29 -14.58 -2.49
CA TYR C 87 6.17 -13.63 -3.17
C TYR C 87 5.34 -12.69 -4.02
N TYR C 88 5.64 -11.39 -3.94
CA TYR C 88 4.88 -10.36 -4.62
C TYR C 88 5.78 -9.52 -5.49
N CYS C 89 5.24 -9.06 -6.62
CA CYS C 89 5.87 -8.02 -7.41
C CYS C 89 5.19 -6.69 -7.10
N GLY C 90 5.96 -5.61 -7.21
CA GLY C 90 5.43 -4.29 -6.95
C GLY C 90 6.08 -3.29 -7.87
N THR C 91 5.36 -2.21 -8.15
CA THR C 91 5.86 -1.14 -8.99
C THR C 91 4.91 0.04 -8.87
N TRP C 92 5.21 1.08 -9.63
CA TRP C 92 4.37 2.27 -9.75
C TRP C 92 3.57 2.17 -11.05
N ASP C 93 2.30 2.59 -10.99
CA ASP C 93 1.46 2.65 -12.18
C ASP C 93 1.21 4.12 -12.52
N SER C 94 1.73 4.55 -13.68
CA SER C 94 1.63 5.96 -14.06
C SER C 94 0.20 6.37 -14.37
N SER C 95 -0.64 5.44 -14.83
CA SER C 95 -2.02 5.78 -15.14
C SER C 95 -2.84 5.96 -13.87
N LEU C 96 -2.63 5.12 -12.87
CA LEU C 96 -3.37 5.21 -11.63
C LEU C 96 -2.77 6.23 -10.66
N SER C 97 -1.60 6.76 -10.96
CA SER C 97 -0.84 7.63 -10.05
C SER C 97 -0.77 7.01 -8.65
N ALA C 98 -0.39 5.73 -8.61
CA ALA C 98 -0.36 4.97 -7.37
C ALA C 98 0.46 3.71 -7.59
N GLY C 99 0.82 3.05 -6.49
CA GLY C 99 1.54 1.81 -6.56
C GLY C 99 0.63 0.61 -6.59
N VAL C 100 1.13 -0.51 -7.11
CA VAL C 100 0.33 -1.71 -7.28
C VAL C 100 1.15 -2.93 -6.87
N PHE C 101 0.48 -3.92 -6.28
CA PHE C 101 1.06 -5.20 -5.95
C PHE C 101 0.38 -6.29 -6.76
N GLY C 102 1.16 -7.27 -7.23
CA GLY C 102 0.59 -8.43 -7.87
C GLY C 102 -0.18 -9.28 -6.87
N GLY C 103 -0.87 -10.29 -7.41
CA GLY C 103 -1.67 -11.14 -6.56
C GLY C 103 -0.89 -12.03 -5.62
N GLY C 104 0.43 -12.14 -5.82
CA GLY C 104 1.25 -12.97 -4.98
C GLY C 104 1.33 -14.41 -5.44
N THR C 105 2.50 -15.02 -5.25
CA THR C 105 2.75 -16.40 -5.63
C THR C 105 3.23 -17.18 -4.43
N GLU C 106 2.58 -18.31 -4.16
CA GLU C 106 2.92 -19.15 -3.01
C GLU C 106 3.91 -20.22 -3.44
N LEU C 107 5.13 -20.16 -2.90
CA LEU C 107 6.18 -21.10 -3.25
C LEU C 107 6.16 -22.29 -2.29
N THR C 108 6.09 -23.49 -2.84
CA THR C 108 6.15 -24.73 -2.08
C THR C 108 7.47 -25.43 -2.36
N VAL C 109 8.22 -25.72 -1.31
CA VAL C 109 9.46 -26.50 -1.42
C VAL C 109 9.12 -27.95 -1.12
N LEU C 110 9.23 -28.80 -2.14
CA LEU C 110 8.80 -30.20 -2.05
C LEU C 110 9.87 -31.02 -1.33
N GLY C 111 9.70 -31.16 -0.02
CA GLY C 111 10.61 -31.97 0.78
C GLY C 111 9.91 -33.17 1.40
N GLN C 112 8.92 -33.70 0.68
CA GLN C 112 8.09 -34.80 1.16
C GLN C 112 7.33 -35.40 -0.02
N PRO C 113 7.16 -36.72 -0.07
CA PRO C 113 6.44 -37.33 -1.19
C PRO C 113 4.95 -36.99 -1.17
N LYS C 114 4.34 -37.11 -2.35
CA LYS C 114 2.92 -36.83 -2.51
C LYS C 114 2.08 -37.78 -1.65
N ALA C 115 1.07 -37.22 -0.99
CA ALA C 115 0.16 -37.98 -0.16
C ALA C 115 -1.27 -37.61 -0.52
N ALA C 116 -2.09 -38.61 -0.80
CA ALA C 116 -3.48 -38.37 -1.14
C ALA C 116 -4.26 -37.98 0.12
N PRO C 117 -5.32 -37.19 -0.03
CA PRO C 117 -6.07 -36.72 1.15
C PRO C 117 -7.05 -37.78 1.66
N SER C 118 -7.38 -37.65 2.94
CA SER C 118 -8.42 -38.43 3.59
C SER C 118 -9.63 -37.52 3.79
N VAL C 119 -10.75 -37.88 3.18
CA VAL C 119 -11.93 -37.01 3.13
C VAL C 119 -13.05 -37.67 3.94
N THR C 120 -13.64 -36.89 4.84
CA THR C 120 -14.79 -37.31 5.63
C THR C 120 -15.84 -36.21 5.57
N LEU C 121 -17.08 -36.58 5.24
CA LEU C 121 -18.17 -35.63 5.09
C LEU C 121 -19.22 -35.91 6.16
N PHE C 122 -19.35 -35.00 7.12
CA PHE C 122 -20.26 -35.21 8.24
C PHE C 122 -21.62 -34.59 7.94
N PRO C 123 -22.72 -35.33 8.11
CA PRO C 123 -24.04 -34.74 7.96
C PRO C 123 -24.34 -33.82 9.14
N PRO C 124 -25.46 -33.09 9.10
CA PRO C 124 -25.83 -32.26 10.26
C PRO C 124 -26.14 -33.13 11.47
N SER C 125 -25.61 -32.73 12.63
CA SER C 125 -25.85 -33.48 13.86
C SER C 125 -27.31 -33.39 14.26
N SER C 126 -27.72 -34.32 15.14
CA SER C 126 -29.10 -34.34 15.61
C SER C 126 -29.42 -33.09 16.41
N GLU C 127 -28.50 -32.64 17.25
CA GLU C 127 -28.73 -31.45 18.06
C GLU C 127 -28.88 -30.20 17.20
N GLU C 128 -28.04 -30.08 16.16
CA GLU C 128 -28.12 -28.91 15.29
C GLU C 128 -29.45 -28.86 14.55
N LEU C 129 -29.95 -30.02 14.12
CA LEU C 129 -31.25 -30.07 13.47
C LEU C 129 -32.36 -29.66 14.42
N GLN C 130 -32.26 -30.08 15.68
CA GLN C 130 -33.22 -29.63 16.69
C GLN C 130 -33.15 -28.13 16.90
N ALA C 131 -31.95 -27.56 16.81
CA ALA C 131 -31.75 -26.12 16.94
C ALA C 131 -32.12 -25.36 15.66
N ASN C 132 -32.80 -26.02 14.72
CA ASN C 132 -33.27 -25.41 13.48
C ASN C 132 -32.11 -24.89 12.62
N LYS C 133 -30.98 -25.58 12.66
CA LYS C 133 -29.81 -25.27 11.86
C LYS C 133 -29.32 -26.54 11.19
N ALA C 134 -28.42 -26.39 10.22
CA ALA C 134 -27.86 -27.53 9.51
C ALA C 134 -26.53 -27.12 8.90
N THR C 135 -25.51 -27.97 9.08
CA THR C 135 -24.19 -27.67 8.56
C THR C 135 -23.50 -28.96 8.12
N LEU C 136 -23.15 -29.05 6.84
CA LEU C 136 -22.31 -30.14 6.37
C LEU C 136 -20.85 -29.76 6.58
N VAL C 137 -20.08 -30.68 7.15
CA VAL C 137 -18.69 -30.45 7.47
C VAL C 137 -17.86 -31.45 6.68
N CYS C 138 -17.06 -30.94 5.75
CA CYS C 138 -16.19 -31.77 4.91
C CYS C 138 -14.75 -31.53 5.36
N LEU C 139 -14.20 -32.50 6.09
CA LEU C 139 -12.84 -32.41 6.60
C LEU C 139 -11.88 -33.16 5.70
N ILE C 140 -10.68 -32.61 5.52
CA ILE C 140 -9.68 -33.14 4.61
C ILE C 140 -8.36 -33.21 5.36
N SER C 141 -7.76 -34.39 5.41
CA SER C 141 -6.59 -34.63 6.24
C SER C 141 -5.51 -35.40 5.48
N ASP C 142 -4.27 -35.21 5.93
CA ASP C 142 -3.14 -36.08 5.57
C ASP C 142 -2.80 -36.02 4.08
N PHE C 143 -2.71 -34.80 3.55
CA PHE C 143 -2.33 -34.62 2.15
C PHE C 143 -1.10 -33.73 2.04
N TYR C 144 -0.36 -33.92 0.96
CA TYR C 144 0.82 -33.13 0.62
C TYR C 144 0.93 -33.14 -0.89
N PRO C 145 1.28 -32.00 -1.53
CA PRO C 145 1.52 -30.70 -0.91
C PRO C 145 0.23 -30.02 -0.45
N GLY C 146 0.34 -28.91 0.29
CA GLY C 146 -0.82 -28.25 0.84
C GLY C 146 -1.62 -27.43 -0.16
N ALA C 147 -2.26 -28.10 -1.11
CA ALA C 147 -3.04 -27.41 -2.13
C ALA C 147 -4.18 -28.32 -2.56
N VAL C 148 -5.42 -27.92 -2.29
CA VAL C 148 -6.61 -28.69 -2.63
C VAL C 148 -7.69 -27.76 -3.13
N THR C 149 -8.64 -28.33 -3.86
CA THR C 149 -9.81 -27.62 -4.35
C THR C 149 -11.06 -28.39 -3.95
N VAL C 150 -12.06 -27.67 -3.44
CA VAL C 150 -13.26 -28.29 -2.88
C VAL C 150 -14.48 -27.77 -3.64
N ALA C 151 -15.40 -28.68 -3.98
CA ALA C 151 -16.63 -28.34 -4.66
C ALA C 151 -17.81 -29.04 -4.00
N TRP C 152 -18.94 -28.33 -3.92
CA TRP C 152 -20.16 -28.83 -3.30
C TRP C 152 -21.26 -28.95 -4.35
N LYS C 153 -22.05 -30.02 -4.25
CA LYS C 153 -23.15 -30.24 -5.17
C LYS C 153 -24.39 -30.73 -4.43
N ALA C 154 -25.55 -30.22 -4.85
CA ALA C 154 -26.85 -30.64 -4.33
C ALA C 154 -27.65 -31.21 -5.50
N ASP C 155 -27.90 -32.52 -5.45
CA ASP C 155 -28.55 -33.23 -6.56
C ASP C 155 -27.79 -33.02 -7.87
N GLY C 156 -26.46 -32.97 -7.78
CA GLY C 156 -25.62 -32.76 -8.94
C GLY C 156 -25.45 -31.33 -9.37
N SER C 157 -26.16 -30.37 -8.75
CA SER C 157 -26.06 -28.97 -9.12
C SER C 157 -24.98 -28.28 -8.27
N PRO C 158 -24.15 -27.45 -8.90
CA PRO C 158 -23.06 -26.79 -8.16
C PRO C 158 -23.60 -25.81 -7.13
N VAL C 159 -23.14 -25.97 -5.89
CA VAL C 159 -23.55 -25.12 -4.77
C VAL C 159 -22.37 -24.23 -4.39
N LYS C 160 -22.64 -22.93 -4.27
CA LYS C 160 -21.66 -21.97 -3.76
C LYS C 160 -22.22 -21.08 -2.66
N ALA C 161 -23.52 -21.13 -2.37
CA ALA C 161 -24.15 -20.11 -1.55
C ALA C 161 -23.72 -20.20 -0.09
N GLY C 162 -23.67 -21.40 0.46
CA GLY C 162 -23.35 -21.53 1.88
C GLY C 162 -21.98 -22.11 2.15
N VAL C 163 -21.07 -21.98 1.20
CA VAL C 163 -19.76 -22.63 1.27
C VAL C 163 -18.76 -21.69 1.93
N GLU C 164 -18.04 -22.20 2.93
CA GLU C 164 -16.90 -21.54 3.51
C GLU C 164 -15.76 -22.56 3.59
N THR C 165 -14.54 -22.12 3.28
CA THR C 165 -13.42 -23.03 3.19
C THR C 165 -12.18 -22.40 3.80
N THR C 166 -11.44 -23.19 4.58
CA THR C 166 -10.21 -22.71 5.21
C THR C 166 -9.01 -22.97 4.31
N LYS C 167 -8.01 -22.11 4.43
CA LYS C 167 -6.74 -22.36 3.77
C LYS C 167 -6.05 -23.55 4.45
N PRO C 168 -5.40 -24.42 3.67
CA PRO C 168 -4.78 -25.62 4.27
C PRO C 168 -3.70 -25.24 5.28
N SER C 169 -3.70 -25.96 6.40
CA SER C 169 -2.77 -25.73 7.49
C SER C 169 -2.04 -27.02 7.84
N LYS C 170 -0.81 -26.87 8.33
CA LYS C 170 0.05 -28.01 8.63
C LYS C 170 -0.54 -28.85 9.77
N GLN C 171 -0.48 -30.16 9.61
CA GLN C 171 -0.80 -31.09 10.69
C GLN C 171 0.44 -31.35 11.54
N SER C 172 0.21 -32.01 12.68
CA SER C 172 1.32 -32.36 13.57
C SER C 172 2.28 -33.37 12.94
N ASN C 173 1.82 -34.15 11.95
CA ASN C 173 2.68 -35.06 11.22
C ASN C 173 3.32 -34.41 9.99
N ASN C 174 3.28 -33.07 9.92
CA ASN C 174 3.84 -32.24 8.84
C ASN C 174 3.09 -32.36 7.53
N LYS C 175 2.04 -33.17 7.44
CA LYS C 175 1.14 -33.11 6.29
C LYS C 175 0.17 -31.96 6.49
N TYR C 176 -0.78 -31.81 5.56
CA TYR C 176 -1.69 -30.68 5.57
C TYR C 176 -3.13 -31.13 5.75
N ALA C 177 -3.94 -30.24 6.33
CA ALA C 177 -5.36 -30.47 6.53
C ALA C 177 -6.13 -29.24 6.10
N ALA C 178 -7.39 -29.46 5.72
CA ALA C 178 -8.28 -28.37 5.34
C ALA C 178 -9.70 -28.74 5.75
N SER C 179 -10.59 -27.74 5.72
CA SER C 179 -11.98 -27.97 6.06
C SER C 179 -12.87 -27.08 5.20
N SER C 180 -14.09 -27.56 4.94
CA SER C 180 -15.09 -26.79 4.21
C SER C 180 -16.45 -27.05 4.81
N TYR C 181 -17.29 -26.02 4.78
CA TYR C 181 -18.61 -26.07 5.40
C TYR C 181 -19.67 -25.64 4.41
N LEU C 182 -20.84 -26.27 4.48
CA LEU C 182 -22.00 -25.88 3.69
C LEU C 182 -23.15 -25.63 4.66
N SER C 183 -23.51 -24.37 4.84
CA SER C 183 -24.56 -23.99 5.77
C SER C 183 -25.91 -24.07 5.06
N LEU C 184 -26.84 -24.83 5.63
CA LEU C 184 -28.16 -25.02 5.08
C LEU C 184 -29.21 -24.75 6.15
N THR C 185 -30.43 -24.47 5.70
CA THR C 185 -31.57 -24.58 6.59
C THR C 185 -32.02 -26.04 6.63
N PRO C 186 -32.71 -26.46 7.70
CA PRO C 186 -33.22 -27.83 7.73
C PRO C 186 -34.14 -28.15 6.57
N GLU C 187 -34.85 -27.15 6.04
CA GLU C 187 -35.70 -27.38 4.87
C GLU C 187 -34.85 -27.70 3.64
N GLN C 188 -33.81 -26.91 3.39
CA GLN C 188 -32.93 -27.18 2.25
C GLN C 188 -32.24 -28.53 2.40
N TRP C 189 -31.85 -28.89 3.62
CA TRP C 189 -31.22 -30.18 3.85
C TRP C 189 -32.18 -31.33 3.58
N LYS C 190 -33.46 -31.13 3.90
CA LYS C 190 -34.47 -32.15 3.62
C LYS C 190 -34.99 -32.10 2.19
N SER C 191 -34.88 -30.96 1.52
CA SER C 191 -35.43 -30.82 0.18
C SER C 191 -34.65 -31.66 -0.83
N HIS C 192 -33.34 -31.46 -0.90
CA HIS C 192 -32.52 -32.16 -1.88
C HIS C 192 -32.27 -33.60 -1.46
N ARG C 193 -32.10 -34.47 -2.45
CA ARG C 193 -32.00 -35.90 -2.18
C ARG C 193 -30.66 -36.27 -1.55
N SER C 194 -29.56 -35.69 -2.05
CA SER C 194 -28.24 -35.99 -1.50
C SER C 194 -27.31 -34.82 -1.79
N TYR C 195 -26.20 -34.80 -1.03
CA TYR C 195 -25.19 -33.76 -1.15
C TYR C 195 -23.81 -34.42 -1.28
N SER C 196 -22.93 -33.75 -2.01
CA SER C 196 -21.60 -34.28 -2.29
C SER C 196 -20.52 -33.26 -1.94
N CYS C 197 -19.41 -33.76 -1.41
CA CYS C 197 -18.20 -32.96 -1.22
C CYS C 197 -17.11 -33.57 -2.09
N GLN C 198 -16.69 -32.85 -3.13
CA GLN C 198 -15.68 -33.32 -4.06
C GLN C 198 -14.37 -32.57 -3.81
N VAL C 199 -13.30 -33.33 -3.65
CA VAL C 199 -11.98 -32.78 -3.32
C VAL C 199 -11.01 -33.16 -4.43
N THR C 200 -10.34 -32.17 -5.01
CA THR C 200 -9.36 -32.39 -6.06
C THR C 200 -7.97 -32.10 -5.51
N HIS C 201 -7.02 -32.99 -5.77
CA HIS C 201 -5.66 -32.84 -5.29
C HIS C 201 -4.71 -33.44 -6.32
N GLU C 202 -3.87 -32.60 -6.93
CA GLU C 202 -2.90 -33.02 -7.93
C GLU C 202 -3.56 -33.82 -9.05
N GLY C 203 -4.69 -33.30 -9.54
CA GLY C 203 -5.42 -33.91 -10.63
C GLY C 203 -6.44 -34.95 -10.21
N SER C 204 -6.21 -35.63 -9.08
CA SER C 204 -7.11 -36.68 -8.64
C SER C 204 -8.29 -36.10 -7.87
N THR C 205 -9.50 -36.48 -8.27
CA THR C 205 -10.73 -36.00 -7.66
C THR C 205 -11.41 -37.15 -6.93
N VAL C 206 -11.61 -36.97 -5.63
CA VAL C 206 -12.36 -37.93 -4.80
C VAL C 206 -13.58 -37.21 -4.25
N GLU C 207 -14.54 -38.01 -3.77
CA GLU C 207 -15.78 -37.42 -3.26
C GLU C 207 -16.42 -38.32 -2.21
N LYS C 208 -17.15 -37.69 -1.31
CA LYS C 208 -17.98 -38.36 -0.31
C LYS C 208 -19.37 -37.75 -0.36
N THR C 209 -20.38 -38.59 -0.11
CA THR C 209 -21.76 -38.15 -0.19
C THR C 209 -22.50 -38.46 1.10
N VAL C 210 -23.56 -37.69 1.34
CA VAL C 210 -24.46 -37.89 2.48
C VAL C 210 -25.89 -37.71 1.99
N ALA C 211 -26.84 -38.16 2.80
CA ALA C 211 -28.24 -38.04 2.44
C ALA C 211 -29.09 -37.90 3.70
N PRO C 212 -30.13 -37.05 3.67
CA PRO C 212 -31.06 -37.00 4.81
C PRO C 212 -31.85 -38.28 4.99
N THR C 213 -32.01 -39.09 3.92
CA THR C 213 -32.65 -40.38 4.05
C THR C 213 -31.87 -41.30 4.98
N GLU C 214 -30.55 -41.32 4.84
CA GLU C 214 -29.65 -42.13 5.68
C GLU C 214 -30.06 -43.60 5.71
C1 NAG D . -3.26 43.13 -15.79
C2 NAG D . -3.24 44.67 -15.66
C3 NAG D . -4.35 45.16 -14.72
C4 NAG D . -5.70 44.51 -15.03
C5 NAG D . -5.52 43.01 -15.10
C6 NAG D . -6.79 42.25 -15.46
C7 NAG D . -0.95 45.47 -16.03
C8 NAG D . 0.33 45.90 -15.38
N2 NAG D . -1.93 45.12 -15.21
O3 NAG D . -4.45 46.58 -14.84
O4 NAG D . -6.62 44.82 -13.99
O5 NAG D . -4.55 42.69 -16.11
O6 NAG D . -7.56 42.93 -16.43
O7 NAG D . -1.07 45.45 -17.25
C1 NAG D . -7.83 45.48 -14.50
C2 NAG D . -8.96 45.31 -13.49
C3 NAG D . -10.21 46.07 -13.95
C4 NAG D . -9.87 47.52 -14.29
C5 NAG D . -8.69 47.57 -15.25
C6 NAG D . -8.21 48.97 -15.55
C7 NAG D . -10.00 43.12 -14.06
C8 NAG D . -10.24 41.74 -13.57
N2 NAG D . -9.28 43.91 -13.25
O3 NAG D . -11.17 46.03 -12.90
O4 NAG D . -11.00 48.11 -14.92
O5 NAG D . -7.57 46.86 -14.71
O6 NAG D . -7.14 48.96 -16.48
O7 NAG D . -10.40 43.52 -15.16
C1 MAN D . -11.77 48.92 -14.01
C2 MAN D . -11.49 50.39 -14.36
C3 MAN D . -12.28 51.30 -13.42
C4 MAN D . -12.07 50.95 -11.93
C5 MAN D . -12.21 49.43 -11.66
C6 MAN D . -13.67 48.94 -11.68
O2 MAN D . -11.95 50.69 -15.67
O3 MAN D . -13.66 51.31 -13.75
O4 MAN D . -10.78 51.39 -11.51
O5 MAN D . -11.45 48.67 -12.63
O6 MAN D . -13.66 47.53 -11.87
C1 MAN D . -14.87 47.08 -11.31
C2 MAN D . -14.40 46.23 -10.12
C3 MAN D . -13.71 44.94 -10.61
C4 MAN D . -14.55 44.23 -11.69
C5 MAN D . -14.95 45.22 -12.81
C6 MAN D . -15.89 44.59 -13.83
O2 MAN D . -15.50 45.80 -9.30
O3 MAN D . -13.46 44.04 -9.53
O4 MAN D . -13.78 43.17 -12.26
O5 MAN D . -15.63 46.34 -12.24
O6 MAN D . -15.70 45.25 -15.08
C1 FUC D . -7.10 42.56 -17.75
C2 FUC D . -8.27 41.92 -18.53
C3 FUC D . -9.38 42.95 -18.78
C4 FUC D . -8.81 44.23 -19.44
C5 FUC D . -7.62 44.75 -18.62
C6 FUC D . -6.89 45.91 -19.30
O2 FUC D . -8.77 40.76 -17.87
O3 FUC D . -10.35 42.41 -19.67
O4 FUC D . -8.39 43.94 -20.76
O5 FUC D . -6.63 43.72 -18.41
NI NI E . -5.21 13.46 1.54
C1 EDO F . 14.11 0.27 -16.30
O1 EDO F . 13.67 -0.80 -17.14
C2 EDO F . 12.90 1.03 -15.72
O2 EDO F . 12.06 1.47 -16.78
C1 EDO G . -1.82 -17.27 0.18
O1 EDO G . -2.59 -17.65 1.33
C2 EDO G . -2.65 -16.36 -0.74
O2 EDO G . -1.81 -15.69 -1.68
NI NI H . -31.97 -26.97 -5.44
#